data_1I3O
#
_entry.id   1I3O
#
_cell.length_a   70.700
_cell.length_b   95.500
_cell.length_c   144.200
_cell.angle_alpha   90.00
_cell.angle_beta   90.00
_cell.angle_gamma   90.00
#
_symmetry.space_group_name_H-M   'P 21 21 21'
#
loop_
_entity.id
_entity.type
_entity.pdbx_description
1 polymer 'CASPASE 3'
2 polymer 'CASPASE 3'
3 polymer 'BACULOVIRAL IAP REPEAT-CONTAINING PROTEIN 4'
4 non-polymer 'ZINC ION'
5 water water
#
loop_
_entity_poly.entity_id
_entity_poly.type
_entity_poly.pdbx_seq_one_letter_code
_entity_poly.pdbx_strand_id
1 'polypeptide(L)'
;MENTENSVDSKSIKNLEPKIIHGSESMDSGISLDNSYKMDYPEMGLCIIINNKNFHKSTGMTSRSGTDVDAANLRETFRN
LKYEVRNKNDLTREEIVELMRDVSKEDHSKRSSFVCVLLSHGEEGIIFGTNGPVDLKKITNFFRGDRCRSLTGKPKLFII
QAARGTELDCGIETD
;
A,C
2 'polypeptide(L)'
;SGVDDDMACHKIPVEADFLYAYSTAPGYYSWRNSKDGSWFIQSLCAMLKQYADKLEFMHILTRVNRKVATEFESFSFDAT
FHAKKQIPCIVSMLTKELYFYHLEHHHHHH
;
B,D
3 'polypeptide(L)'
;GSHMRDHFALDRPSETHADYLLRTGQVVDISDTIYPRNPAMYSEEARLKSFQNWPDYAHLTPRELASAGLYYTGIGDQVQ
CFACGGKLKNWEPGDRAWSEHRRHFPNCFFVLGRNLNIRSE
;
E,F
#
# COMPACT_ATOMS: atom_id res chain seq x y z
N SER A 32 8.22 2.05 24.56
CA SER A 32 9.20 1.93 23.45
C SER A 32 9.99 3.23 23.25
N LEU A 33 10.18 3.60 21.98
CA LEU A 33 10.89 4.81 21.54
C LEU A 33 11.09 4.74 20.02
N ASP A 34 10.89 5.87 19.36
CA ASP A 34 11.13 5.98 17.92
C ASP A 34 10.44 4.90 17.03
N ASN A 35 9.11 4.89 17.02
CA ASN A 35 8.37 3.95 16.16
C ASN A 35 7.42 4.74 15.26
N SER A 36 7.64 6.05 15.25
CA SER A 36 6.89 6.98 14.42
C SER A 36 7.93 8.03 13.97
N TYR A 37 7.82 8.51 12.74
CA TYR A 37 8.76 9.49 12.21
C TYR A 37 8.82 10.76 13.05
N LYS A 38 10.00 11.37 13.10
CA LYS A 38 10.21 12.61 13.83
C LYS A 38 9.71 13.74 12.95
N MET A 39 8.74 14.51 13.42
CA MET A 39 8.21 15.61 12.62
C MET A 39 8.48 16.98 13.24
N ASP A 40 9.38 17.04 14.24
CA ASP A 40 9.73 18.29 14.93
C ASP A 40 10.54 19.24 14.06
N TYR A 41 11.55 18.72 13.37
CA TYR A 41 12.41 19.57 12.54
C TYR A 41 11.78 20.92 12.19
N PRO A 42 12.60 21.98 12.18
CA PRO A 42 12.14 23.32 11.86
C PRO A 42 11.04 23.31 10.81
N GLU A 43 11.41 23.06 9.56
CA GLU A 43 10.45 23.04 8.46
C GLU A 43 9.72 21.68 8.33
N MET A 44 8.50 21.73 7.79
CA MET A 44 7.70 20.53 7.61
C MET A 44 8.19 19.79 6.36
N GLY A 45 8.69 20.54 5.38
CA GLY A 45 9.20 19.96 4.16
C GLY A 45 8.56 20.54 2.90
N LEU A 46 9.13 20.17 1.77
CA LEU A 46 8.63 20.62 0.48
C LEU A 46 7.44 19.77 -0.01
N CYS A 47 6.60 20.39 -0.82
CA CYS A 47 5.45 19.72 -1.42
C CYS A 47 5.38 20.17 -2.87
N ILE A 48 6.15 19.52 -3.73
CA ILE A 48 6.18 19.84 -5.14
C ILE A 48 4.93 19.28 -5.82
N ILE A 49 4.15 20.16 -6.45
CA ILE A 49 2.94 19.75 -7.15
C ILE A 49 3.09 19.98 -8.65
N ILE A 50 3.24 18.91 -9.41
CA ILE A 50 3.38 19.05 -10.86
C ILE A 50 2.02 18.88 -11.51
N ASN A 51 1.50 19.98 -12.02
CA ASN A 51 0.19 20.01 -12.65
C ASN A 51 0.27 20.15 -14.18
N ASN A 52 0.22 19.03 -14.89
CA ASN A 52 0.28 19.01 -16.37
C ASN A 52 -1.10 18.96 -17.00
N LYS A 53 -1.53 20.08 -17.59
CA LYS A 53 -2.85 20.19 -18.21
C LYS A 53 -2.89 20.12 -19.73
N ASN A 54 -1.94 20.76 -20.41
CA ASN A 54 -1.94 20.73 -21.88
C ASN A 54 -0.73 19.98 -22.43
N PHE A 55 -0.95 19.20 -23.48
CA PHE A 55 0.13 18.42 -24.07
C PHE A 55 0.34 18.73 -25.56
N HIS A 56 1.59 18.59 -26.01
CA HIS A 56 1.96 18.82 -27.41
C HIS A 56 1.13 17.94 -28.33
N LYS A 57 0.78 18.46 -29.52
CA LYS A 57 0.01 17.67 -30.46
C LYS A 57 0.79 16.40 -30.79
N SER A 58 2.11 16.47 -30.64
CA SER A 58 2.99 15.33 -30.94
C SER A 58 2.77 14.12 -30.02
N THR A 59 2.17 14.34 -28.86
CA THR A 59 1.93 13.26 -27.92
C THR A 59 0.64 12.53 -28.24
N GLY A 60 -0.30 13.27 -28.81
CA GLY A 60 -1.59 12.68 -29.15
C GLY A 60 -2.50 12.68 -27.94
N MET A 61 -1.96 13.10 -26.80
CA MET A 61 -2.71 13.16 -25.56
C MET A 61 -3.62 14.39 -25.49
N THR A 62 -4.85 14.21 -25.02
CA THR A 62 -5.78 15.30 -24.90
C THR A 62 -5.53 16.04 -23.60
N SER A 63 -6.14 17.22 -23.48
CA SER A 63 -5.99 18.03 -22.29
C SER A 63 -6.65 17.35 -21.08
N ARG A 64 -6.26 17.79 -19.90
CA ARG A 64 -6.81 17.25 -18.67
C ARG A 64 -7.53 18.36 -17.93
N SER A 65 -8.55 18.90 -18.58
CA SER A 65 -9.35 19.98 -18.00
C SER A 65 -9.81 19.55 -16.62
N GLY A 66 -9.93 20.52 -15.71
CA GLY A 66 -10.34 20.23 -14.36
C GLY A 66 -9.16 19.88 -13.46
N THR A 67 -7.98 19.74 -14.06
CA THR A 67 -6.79 19.39 -13.30
C THR A 67 -6.42 20.50 -12.31
N ASP A 68 -6.72 21.75 -12.68
CA ASP A 68 -6.40 22.90 -11.83
C ASP A 68 -7.14 22.87 -10.48
N VAL A 69 -8.37 22.40 -10.48
CA VAL A 69 -9.12 22.32 -9.23
C VAL A 69 -8.32 21.48 -8.24
N ASP A 70 -7.70 20.41 -8.77
CA ASP A 70 -6.88 19.52 -7.95
C ASP A 70 -5.66 20.29 -7.45
N ALA A 71 -4.90 20.83 -8.40
CA ALA A 71 -3.69 21.60 -8.09
C ALA A 71 -4.00 22.63 -7.04
N ALA A 72 -5.17 23.23 -7.16
CA ALA A 72 -5.57 24.24 -6.20
C ALA A 72 -5.79 23.57 -4.86
N ASN A 73 -6.76 22.65 -4.80
CA ASN A 73 -7.11 21.95 -3.57
C ASN A 73 -5.91 21.39 -2.81
N LEU A 74 -4.99 20.75 -3.52
CA LEU A 74 -3.80 20.20 -2.91
C LEU A 74 -2.99 21.30 -2.25
N ARG A 75 -2.78 22.39 -2.99
CA ARG A 75 -2.03 23.52 -2.46
C ARG A 75 -2.60 23.96 -1.10
N GLU A 76 -3.90 24.25 -1.05
CA GLU A 76 -4.53 24.67 0.20
C GLU A 76 -4.30 23.62 1.28
N THR A 77 -4.63 22.37 0.94
CA THR A 77 -4.50 21.26 1.86
C THR A 77 -3.15 21.17 2.52
N PHE A 78 -2.10 21.09 1.71
CA PHE A 78 -0.75 20.97 2.24
C PHE A 78 -0.18 22.24 2.84
N ARG A 79 -0.74 23.40 2.48
CA ARG A 79 -0.25 24.62 3.07
C ARG A 79 -0.74 24.56 4.51
N ASN A 80 -2.02 24.24 4.68
CA ASN A 80 -2.59 24.15 6.02
C ASN A 80 -1.81 23.16 6.86
N LEU A 81 -1.05 22.28 6.21
CA LEU A 81 -0.25 21.29 6.92
C LEU A 81 1.15 21.81 7.20
N LYS A 82 1.36 23.08 6.84
CA LYS A 82 2.63 23.76 7.06
C LYS A 82 3.76 23.33 6.12
N TYR A 83 3.39 22.84 4.95
CA TYR A 83 4.38 22.44 3.97
C TYR A 83 4.74 23.65 3.11
N GLU A 84 5.94 23.64 2.54
CA GLU A 84 6.35 24.73 1.68
C GLU A 84 5.93 24.28 0.29
N VAL A 85 4.75 24.68 -0.14
CA VAL A 85 4.23 24.27 -1.44
C VAL A 85 4.84 25.00 -2.63
N ARG A 86 5.05 24.28 -3.72
CA ARG A 86 5.60 24.86 -4.94
C ARG A 86 4.88 24.26 -6.15
N ASN A 87 4.03 25.04 -6.79
CA ASN A 87 3.32 24.53 -7.96
C ASN A 87 4.10 24.69 -9.25
N LYS A 88 3.91 23.74 -10.16
CA LYS A 88 4.57 23.76 -11.46
C LYS A 88 3.53 23.33 -12.49
N ASN A 89 3.56 23.91 -13.68
CA ASN A 89 2.57 23.54 -14.68
C ASN A 89 3.12 23.24 -16.06
N ASP A 90 2.47 22.29 -16.72
CA ASP A 90 2.86 21.89 -18.06
C ASP A 90 4.37 21.79 -18.28
N LEU A 91 5.05 21.04 -17.42
CA LEU A 91 6.48 20.86 -17.56
C LEU A 91 6.71 19.73 -18.57
N THR A 92 7.91 19.69 -19.15
CA THR A 92 8.25 18.65 -20.11
C THR A 92 8.95 17.56 -19.33
N ARG A 93 9.14 16.39 -19.94
CA ARG A 93 9.81 15.30 -19.24
C ARG A 93 11.16 15.80 -18.75
N GLU A 94 11.86 16.54 -19.60
CA GLU A 94 13.16 17.08 -19.24
C GLU A 94 13.02 18.00 -18.03
N GLU A 95 12.11 18.96 -18.13
CA GLU A 95 11.89 19.90 -17.04
C GLU A 95 11.61 19.17 -15.73
N ILE A 96 10.78 18.12 -15.79
CA ILE A 96 10.45 17.36 -14.59
C ILE A 96 11.72 16.70 -14.05
N VAL A 97 12.41 15.95 -14.90
CA VAL A 97 13.63 15.29 -14.48
C VAL A 97 14.56 16.32 -13.85
N GLU A 98 14.70 17.44 -14.55
CA GLU A 98 15.55 18.52 -14.08
C GLU A 98 15.05 19.08 -12.76
N LEU A 99 13.75 19.36 -12.68
CA LEU A 99 13.17 19.90 -11.47
C LEU A 99 13.48 18.99 -10.28
N MET A 100 13.16 17.71 -10.41
CA MET A 100 13.42 16.76 -9.35
C MET A 100 14.90 16.76 -8.98
N ARG A 101 15.78 16.61 -9.97
CA ARG A 101 17.23 16.59 -9.72
C ARG A 101 17.67 17.80 -8.89
N ASP A 102 17.17 18.97 -9.25
CA ASP A 102 17.54 20.17 -8.51
C ASP A 102 17.04 20.07 -7.08
N VAL A 103 15.75 19.82 -6.92
CA VAL A 103 15.15 19.72 -5.60
C VAL A 103 15.83 18.64 -4.75
N SER A 104 16.31 17.59 -5.40
CA SER A 104 16.95 16.49 -4.69
C SER A 104 18.30 16.94 -4.16
N LYS A 105 18.78 18.06 -4.68
CA LYS A 105 20.09 18.56 -4.26
C LYS A 105 20.03 19.72 -3.25
N GLU A 106 18.82 20.13 -2.88
CA GLU A 106 18.67 21.19 -1.89
C GLU A 106 19.10 20.55 -0.58
N ASP A 107 19.08 21.32 0.50
CA ASP A 107 19.48 20.79 1.79
C ASP A 107 18.27 20.66 2.73
N HIS A 108 17.66 19.49 2.71
CA HIS A 108 16.48 19.18 3.53
C HIS A 108 16.81 18.89 4.98
N SER A 109 18.03 19.22 5.42
CA SER A 109 18.43 18.97 6.79
C SER A 109 17.45 19.42 7.85
N LYS A 110 16.91 20.63 7.70
CA LYS A 110 15.97 21.14 8.69
C LYS A 110 14.52 20.82 8.36
N ARG A 111 14.31 20.00 7.34
CA ARG A 111 12.97 19.59 6.89
C ARG A 111 12.63 18.16 7.35
N SER A 112 11.40 17.98 7.86
CA SER A 112 10.94 16.68 8.36
C SER A 112 10.56 15.65 7.30
N SER A 113 10.14 16.12 6.13
CA SER A 113 9.72 15.19 5.08
C SER A 113 9.77 15.80 3.69
N PHE A 114 9.24 15.04 2.74
CA PHE A 114 9.18 15.49 1.36
C PHE A 114 7.97 14.93 0.67
N VAL A 115 7.27 15.77 -0.08
CA VAL A 115 6.08 15.34 -0.80
C VAL A 115 6.08 15.84 -2.25
N CYS A 116 5.73 14.95 -3.17
CA CYS A 116 5.69 15.29 -4.60
C CYS A 116 4.38 14.77 -5.14
N VAL A 117 3.61 15.64 -5.77
CA VAL A 117 2.33 15.25 -6.32
C VAL A 117 2.33 15.41 -7.83
N LEU A 118 2.09 14.30 -8.54
CA LEU A 118 2.09 14.31 -9.99
C LEU A 118 0.68 14.20 -10.53
N LEU A 119 0.30 15.13 -11.40
CA LEU A 119 -1.03 15.12 -12.01
C LEU A 119 -0.78 15.15 -13.50
N SER A 120 -0.99 14.01 -14.17
CA SER A 120 -0.73 13.94 -15.61
C SER A 120 -1.25 12.62 -16.19
N HIS A 121 -1.04 12.39 -17.48
CA HIS A 121 -1.46 11.13 -18.09
C HIS A 121 -0.45 10.09 -17.67
N GLY A 122 -0.79 8.83 -17.88
CA GLY A 122 0.14 7.77 -17.53
C GLY A 122 -0.37 6.38 -17.76
N GLU A 123 0.52 5.42 -17.54
CA GLU A 123 0.19 4.01 -17.67
C GLU A 123 1.15 3.30 -16.73
N GLU A 124 1.02 1.98 -16.64
CA GLU A 124 1.88 1.21 -15.76
C GLU A 124 3.29 1.78 -15.67
N GLY A 125 3.64 2.36 -14.52
CA GLY A 125 4.97 2.90 -14.29
C GLY A 125 5.42 4.11 -15.07
N ILE A 126 4.51 4.79 -15.72
CA ILE A 126 4.85 5.96 -16.52
C ILE A 126 3.98 7.15 -16.21
N ILE A 127 4.55 8.34 -16.33
CA ILE A 127 3.82 9.58 -16.11
C ILE A 127 4.24 10.45 -17.29
N PHE A 128 3.35 11.34 -17.72
CA PHE A 128 3.64 12.18 -18.87
C PHE A 128 4.06 13.61 -18.61
N GLY A 129 5.03 14.03 -19.40
CA GLY A 129 5.47 15.42 -19.38
C GLY A 129 4.71 15.93 -20.58
N THR A 130 4.48 17.23 -20.68
CA THR A 130 3.73 17.75 -21.82
C THR A 130 4.18 17.28 -23.19
N ASN A 131 5.43 16.80 -23.28
CA ASN A 131 5.98 16.34 -24.56
C ASN A 131 6.30 14.83 -24.61
N GLY A 132 5.91 14.09 -23.58
CA GLY A 132 6.19 12.67 -23.60
C GLY A 132 6.24 11.98 -22.25
N PRO A 133 6.34 10.65 -22.25
CA PRO A 133 6.41 9.83 -21.04
C PRO A 133 7.77 9.81 -20.37
N VAL A 134 7.77 9.46 -19.08
CA VAL A 134 8.97 9.36 -18.27
C VAL A 134 8.74 8.24 -17.28
N ASP A 135 9.79 7.52 -16.90
CA ASP A 135 9.60 6.47 -15.92
C ASP A 135 9.52 7.06 -14.52
N LEU A 136 8.48 6.71 -13.79
CA LEU A 136 8.32 7.20 -12.44
C LEU A 136 9.60 6.91 -11.69
N LYS A 137 10.15 5.74 -11.94
CA LYS A 137 11.38 5.31 -11.29
C LYS A 137 12.48 6.36 -11.46
N LYS A 138 12.61 6.91 -12.66
CA LYS A 138 13.63 7.92 -12.89
C LYS A 138 13.37 9.14 -12.00
N ILE A 139 12.12 9.56 -11.86
CA ILE A 139 11.80 10.69 -11.01
C ILE A 139 12.11 10.34 -9.56
N THR A 140 11.63 9.17 -9.17
CA THR A 140 11.79 8.65 -7.82
C THR A 140 13.24 8.46 -7.37
N ASN A 141 14.07 7.88 -8.22
CA ASN A 141 15.46 7.62 -7.84
C ASN A 141 16.25 8.79 -7.28
N PHE A 142 15.95 9.99 -7.74
CA PHE A 142 16.67 11.16 -7.25
C PHE A 142 16.66 11.28 -5.74
N PHE A 143 15.67 10.65 -5.10
CA PHE A 143 15.57 10.73 -3.65
C PHE A 143 15.96 9.47 -2.90
N ARG A 144 16.59 8.52 -3.59
CA ARG A 144 17.04 7.29 -2.95
C ARG A 144 17.88 7.65 -1.72
N GLY A 145 17.75 6.85 -0.67
CA GLY A 145 18.47 7.09 0.57
C GLY A 145 19.95 7.42 0.41
N ASP A 146 20.54 7.07 -0.73
CA ASP A 146 21.96 7.30 -0.95
C ASP A 146 22.24 8.43 -1.94
N ARG A 147 21.18 8.97 -2.54
CA ARG A 147 21.33 10.05 -3.52
C ARG A 147 20.82 11.37 -2.98
N CYS A 148 20.20 11.35 -1.80
CA CYS A 148 19.70 12.57 -1.18
C CYS A 148 19.83 12.40 0.33
N ARG A 149 21.07 12.35 0.80
CA ARG A 149 21.39 12.15 2.21
C ARG A 149 20.59 13.02 3.14
N SER A 150 20.27 14.21 2.68
CA SER A 150 19.51 15.15 3.48
C SER A 150 18.13 14.63 3.89
N LEU A 151 17.61 13.65 3.14
CA LEU A 151 16.30 13.07 3.41
C LEU A 151 16.34 11.66 3.94
N THR A 152 17.54 11.08 4.03
CA THR A 152 17.66 9.73 4.54
C THR A 152 16.95 9.55 5.86
N GLY A 153 16.20 8.46 5.99
CA GLY A 153 15.49 8.20 7.23
C GLY A 153 14.26 9.04 7.40
N LYS A 154 13.99 9.91 6.43
CA LYS A 154 12.81 10.76 6.49
C LYS A 154 11.81 10.27 5.46
N PRO A 155 10.51 10.36 5.76
CA PRO A 155 9.50 9.90 4.81
C PRO A 155 9.39 10.72 3.54
N LYS A 156 9.49 10.02 2.43
CA LYS A 156 9.39 10.61 1.11
C LYS A 156 8.07 10.12 0.51
N LEU A 157 7.11 11.03 0.34
CA LEU A 157 5.81 10.66 -0.19
C LEU A 157 5.51 11.11 -1.62
N PHE A 158 5.12 10.18 -2.48
CA PHE A 158 4.78 10.52 -3.85
C PHE A 158 3.33 10.21 -4.13
N ILE A 159 2.57 11.23 -4.52
CA ILE A 159 1.15 11.06 -4.79
C ILE A 159 0.93 11.15 -6.29
N ILE A 160 0.44 10.07 -6.89
CA ILE A 160 0.24 10.03 -8.32
C ILE A 160 -1.18 9.90 -8.80
N GLN A 161 -1.68 10.96 -9.41
CA GLN A 161 -3.02 10.96 -9.98
C GLN A 161 -2.84 10.80 -11.48
N ALA A 162 -2.83 9.56 -11.94
CA ALA A 162 -2.66 9.26 -13.34
C ALA A 162 -3.06 7.82 -13.59
N ALA A 163 -3.36 7.52 -14.86
CA ALA A 163 -3.75 6.17 -15.23
C ALA A 163 -2.54 5.26 -15.18
N ARG A 164 -2.79 3.97 -14.96
CA ARG A 164 -1.75 2.95 -14.90
C ARG A 164 -2.16 1.86 -15.86
N GLY A 165 -2.87 2.24 -16.91
CA GLY A 165 -3.33 1.26 -17.87
C GLY A 165 -4.70 1.67 -18.36
N THR A 166 -5.40 0.77 -19.05
CA THR A 166 -6.71 1.09 -19.56
C THR A 166 -7.84 0.19 -19.05
N GLU A 167 -7.53 -0.65 -18.08
CA GLU A 167 -8.53 -1.52 -17.50
C GLU A 167 -9.58 -0.71 -16.76
N LEU A 168 -10.81 -1.20 -16.73
CA LEU A 168 -11.86 -0.49 -16.04
C LEU A 168 -12.50 -1.43 -15.01
N ASP A 169 -12.77 -0.92 -13.81
CA ASP A 169 -13.38 -1.76 -12.80
C ASP A 169 -14.88 -1.72 -13.03
N CYS A 170 -15.46 -2.87 -13.38
CA CYS A 170 -16.90 -2.95 -13.63
C CYS A 170 -17.67 -2.91 -12.31
N GLY A 171 -16.96 -3.19 -11.22
CA GLY A 171 -17.59 -3.16 -9.92
C GLY A 171 -18.44 -4.38 -9.64
N ILE A 172 -18.90 -4.49 -8.40
CA ILE A 172 -19.76 -5.59 -7.97
C ILE A 172 -20.85 -5.05 -7.04
N GLU A 173 -22.02 -5.66 -7.13
CA GLU A 173 -23.16 -5.25 -6.31
C GLU A 173 -22.97 -5.71 -4.85
N THR A 174 -23.55 -4.93 -3.94
CA THR A 174 -23.51 -5.16 -2.49
C THR A 174 -23.15 -3.85 -1.83
N SER B 1 39.28 -5.29 -1.38
CA SER B 1 39.05 -6.45 -0.50
C SER B 1 38.35 -5.94 0.73
N GLY B 2 37.70 -6.84 1.47
CA GLY B 2 36.98 -6.42 2.66
C GLY B 2 37.60 -6.81 3.98
N VAL B 3 37.11 -6.22 5.06
CA VAL B 3 37.65 -6.49 6.39
C VAL B 3 36.55 -6.99 7.32
N ASP B 4 36.96 -7.55 8.45
CA ASP B 4 36.02 -8.03 9.46
C ASP B 4 35.41 -6.82 10.18
N ASP B 5 34.87 -5.86 9.43
CA ASP B 5 34.29 -4.68 10.08
C ASP B 5 32.82 -4.51 9.79
N ASP B 6 32.23 -5.44 9.06
CA ASP B 6 30.81 -5.34 8.76
C ASP B 6 30.05 -4.91 10.01
N MET B 7 30.14 -5.74 11.06
CA MET B 7 29.47 -5.46 12.34
C MET B 7 29.73 -4.07 12.90
N ALA B 8 30.63 -3.32 12.27
CA ALA B 8 30.96 -1.99 12.75
C ALA B 8 30.31 -0.87 11.97
N CYS B 9 29.34 -1.21 11.13
CA CYS B 9 28.68 -0.18 10.34
C CYS B 9 27.23 -0.56 10.05
N HIS B 10 26.31 0.36 10.31
CA HIS B 10 24.90 0.07 10.08
C HIS B 10 24.28 0.77 8.87
N LYS B 11 23.46 0.04 8.13
CA LYS B 11 22.82 0.60 6.94
C LYS B 11 21.32 0.37 6.87
N ILE B 12 20.65 1.18 6.05
CA ILE B 12 19.21 1.03 5.81
C ILE B 12 19.06 0.99 4.29
N PRO B 13 18.03 0.29 3.81
CA PRO B 13 17.82 0.20 2.36
C PRO B 13 17.68 1.55 1.71
N VAL B 14 18.32 1.74 0.56
CA VAL B 14 18.25 3.01 -0.14
C VAL B 14 16.85 3.22 -0.69
N GLU B 15 16.08 2.15 -0.70
CA GLU B 15 14.73 2.19 -1.23
C GLU B 15 13.70 2.32 -0.11
N ALA B 16 14.18 2.29 1.12
CA ALA B 16 13.31 2.38 2.29
C ALA B 16 12.81 3.80 2.50
N ASP B 17 11.75 3.93 3.30
CA ASP B 17 11.16 5.20 3.62
C ASP B 17 10.46 5.91 2.49
N PHE B 18 9.95 5.14 1.54
CA PHE B 18 9.23 5.72 0.42
C PHE B 18 7.76 5.32 0.51
N LEU B 19 6.88 6.22 0.10
CA LEU B 19 5.46 5.90 0.11
C LEU B 19 4.85 6.41 -1.17
N TYR B 20 4.25 5.50 -1.93
CA TYR B 20 3.62 5.86 -3.18
C TYR B 20 2.12 5.71 -3.04
N ALA B 21 1.41 6.83 -3.05
CA ALA B 21 -0.03 6.79 -2.94
C ALA B 21 -0.59 6.91 -4.34
N TYR B 22 -0.92 5.77 -4.94
CA TYR B 22 -1.47 5.74 -6.29
C TYR B 22 -2.99 5.94 -6.28
N SER B 23 -3.51 6.59 -7.31
CA SER B 23 -4.94 6.82 -7.43
C SER B 23 -5.75 5.61 -7.89
N THR B 24 -5.11 4.68 -8.61
CA THR B 24 -5.79 3.50 -9.12
C THR B 24 -4.92 2.26 -9.03
N ALA B 25 -5.55 1.09 -9.03
CA ALA B 25 -4.82 -0.17 -8.97
C ALA B 25 -3.96 -0.32 -10.22
N PRO B 26 -2.88 -1.12 -10.13
CA PRO B 26 -2.01 -1.32 -11.29
C PRO B 26 -2.82 -1.76 -12.51
N GLY B 27 -2.39 -1.34 -13.69
CA GLY B 27 -3.08 -1.72 -14.90
C GLY B 27 -4.40 -1.04 -15.15
N TYR B 28 -4.93 -0.35 -14.15
CA TYR B 28 -6.22 0.31 -14.32
C TYR B 28 -6.19 1.78 -14.72
N TYR B 29 -7.32 2.24 -15.24
CA TYR B 29 -7.48 3.62 -15.66
C TYR B 29 -7.74 4.44 -14.38
N SER B 30 -7.66 5.75 -14.47
CA SER B 30 -7.91 6.62 -13.32
C SER B 30 -8.87 7.71 -13.77
N TRP B 31 -9.99 7.84 -13.08
CA TRP B 31 -11.02 8.81 -13.47
C TRP B 31 -10.89 10.26 -13.06
N ARG B 32 -11.40 11.14 -13.91
CA ARG B 32 -11.40 12.59 -13.66
C ARG B 32 -12.84 13.10 -13.88
N ASN B 33 -13.26 14.10 -13.12
CA ASN B 33 -14.60 14.61 -13.33
C ASN B 33 -14.54 15.59 -14.47
N SER B 34 -15.55 15.57 -15.34
CA SER B 34 -15.63 16.47 -16.48
C SER B 34 -14.84 17.76 -16.24
N LYS B 35 -15.05 18.41 -15.11
CA LYS B 35 -14.30 19.63 -14.80
C LYS B 35 -14.12 19.91 -13.30
N ASP B 36 -14.55 18.99 -12.44
CA ASP B 36 -14.45 19.16 -10.99
C ASP B 36 -13.30 18.39 -10.32
N GLY B 37 -12.15 18.30 -11.00
CA GLY B 37 -11.02 17.59 -10.40
C GLY B 37 -11.09 16.08 -10.57
N SER B 38 -10.27 15.37 -9.81
CA SER B 38 -10.26 13.92 -9.92
C SER B 38 -10.80 13.27 -8.67
N TRP B 39 -11.38 12.08 -8.83
CA TRP B 39 -11.94 11.33 -7.70
C TRP B 39 -10.95 11.21 -6.52
N PHE B 40 -9.75 10.72 -6.81
CA PHE B 40 -8.70 10.51 -5.83
C PHE B 40 -8.24 11.77 -5.10
N ILE B 41 -7.73 12.73 -5.85
CA ILE B 41 -7.27 13.97 -5.23
C ILE B 41 -8.37 14.59 -4.39
N GLN B 42 -9.58 14.58 -4.93
CA GLN B 42 -10.74 15.13 -4.22
C GLN B 42 -10.88 14.46 -2.86
N SER B 43 -10.81 13.14 -2.82
CA SER B 43 -10.93 12.42 -1.57
C SER B 43 -9.72 12.60 -0.69
N LEU B 44 -8.55 12.61 -1.29
CA LEU B 44 -7.30 12.78 -0.55
C LEU B 44 -7.38 14.03 0.31
N CYS B 45 -7.59 15.17 -0.34
CA CYS B 45 -7.69 16.42 0.40
C CYS B 45 -8.77 16.33 1.47
N ALA B 46 -9.96 15.87 1.10
CA ALA B 46 -11.05 15.75 2.05
C ALA B 46 -10.59 15.03 3.29
N MET B 47 -10.06 13.82 3.12
CA MET B 47 -9.60 13.06 4.27
C MET B 47 -8.43 13.73 5.00
N LEU B 48 -7.52 14.36 4.26
CA LEU B 48 -6.40 15.03 4.92
C LEU B 48 -6.92 16.16 5.77
N LYS B 49 -7.93 16.87 5.26
CA LYS B 49 -8.53 18.00 5.97
C LYS B 49 -9.17 17.55 7.28
N GLN B 50 -9.98 16.49 7.23
CA GLN B 50 -10.64 15.97 8.44
C GLN B 50 -9.73 15.26 9.44
N TYR B 51 -8.83 14.40 8.95
CA TYR B 51 -8.00 13.62 9.86
C TYR B 51 -6.51 13.89 10.04
N ALA B 52 -5.93 14.78 9.23
CA ALA B 52 -4.51 15.07 9.36
C ALA B 52 -4.06 15.21 10.81
N ASP B 53 -4.91 15.81 11.63
CA ASP B 53 -4.60 16.05 13.05
C ASP B 53 -5.02 14.96 14.03
N LYS B 54 -5.44 13.80 13.53
CA LYS B 54 -5.87 12.78 14.48
C LYS B 54 -5.77 11.34 13.99
N LEU B 55 -5.06 11.14 12.89
CA LEU B 55 -4.89 9.79 12.34
C LEU B 55 -3.54 9.60 11.70
N GLU B 56 -3.06 8.36 11.72
CA GLU B 56 -1.78 8.01 11.11
C GLU B 56 -2.04 8.04 9.60
N PHE B 57 -1.01 8.37 8.82
CA PHE B 57 -1.17 8.47 7.38
C PHE B 57 -1.81 7.26 6.69
N MET B 58 -1.35 6.05 7.00
CA MET B 58 -1.89 4.82 6.41
C MET B 58 -3.39 4.77 6.57
N HIS B 59 -3.85 5.09 7.78
CA HIS B 59 -5.26 5.07 8.08
C HIS B 59 -5.97 6.17 7.32
N ILE B 60 -5.32 7.31 7.16
CA ILE B 60 -5.96 8.37 6.41
C ILE B 60 -6.14 7.89 4.99
N LEU B 61 -5.05 7.38 4.39
CA LEU B 61 -5.12 6.90 3.02
C LEU B 61 -6.06 5.70 2.89
N THR B 62 -6.33 5.01 3.99
CA THR B 62 -7.24 3.89 3.94
C THR B 62 -8.65 4.46 3.94
N ARG B 63 -8.77 5.68 4.46
CA ARG B 63 -10.05 6.37 4.47
C ARG B 63 -10.35 6.74 3.03
N VAL B 64 -9.31 7.23 2.35
CA VAL B 64 -9.42 7.66 0.96
C VAL B 64 -9.83 6.48 0.10
N ASN B 65 -9.26 5.32 0.38
CA ASN B 65 -9.60 4.14 -0.39
C ASN B 65 -11.10 3.88 -0.29
N ARG B 66 -11.62 3.92 0.93
CA ARG B 66 -13.03 3.67 1.12
C ARG B 66 -13.87 4.76 0.47
N LYS B 67 -13.45 6.00 0.61
CA LYS B 67 -14.20 7.10 0.03
C LYS B 67 -14.33 6.93 -1.48
N VAL B 68 -13.19 6.72 -2.15
CA VAL B 68 -13.19 6.54 -3.60
C VAL B 68 -13.96 5.28 -4.00
N ALA B 69 -13.75 4.21 -3.26
CA ALA B 69 -14.42 2.94 -3.57
C ALA B 69 -15.92 2.98 -3.34
N THR B 70 -16.32 3.71 -2.30
CA THR B 70 -17.72 3.83 -1.89
C THR B 70 -18.58 4.93 -2.52
N GLU B 71 -18.08 6.15 -2.50
CA GLU B 71 -18.85 7.28 -3.01
C GLU B 71 -18.75 7.60 -4.49
N PHE B 72 -17.89 6.90 -5.25
CA PHE B 72 -17.75 7.19 -6.68
C PHE B 72 -18.10 6.06 -7.64
N GLU B 73 -18.69 6.46 -8.76
CA GLU B 73 -19.08 5.57 -9.85
C GLU B 73 -19.21 6.48 -11.07
N SER B 74 -18.60 6.11 -12.19
CA SER B 74 -18.64 6.97 -13.36
C SER B 74 -19.98 7.06 -14.06
N PHE B 75 -20.09 8.09 -14.90
CA PHE B 75 -21.29 8.31 -15.68
C PHE B 75 -20.87 8.70 -17.08
N SER B 76 -21.21 7.88 -18.05
CA SER B 76 -20.89 8.19 -19.44
C SER B 76 -22.08 7.80 -20.29
N PHE B 77 -22.27 8.50 -21.41
CA PHE B 77 -23.37 8.17 -22.30
C PHE B 77 -22.95 6.95 -23.13
N ASP B 78 -21.65 6.64 -23.11
CA ASP B 78 -21.14 5.47 -23.82
C ASP B 78 -21.10 4.31 -22.82
N ALA B 79 -21.91 3.29 -23.05
CA ALA B 79 -21.98 2.15 -22.15
C ALA B 79 -20.61 1.57 -21.78
N THR B 80 -19.66 1.69 -22.70
CA THR B 80 -18.33 1.17 -22.49
C THR B 80 -17.63 1.75 -21.27
N PHE B 81 -17.96 3.00 -20.93
CA PHE B 81 -17.33 3.67 -19.81
C PHE B 81 -18.26 4.04 -18.68
N HIS B 82 -19.51 3.66 -18.79
CA HIS B 82 -20.50 3.99 -17.77
C HIS B 82 -20.54 3.10 -16.53
N ALA B 83 -20.84 3.71 -15.38
CA ALA B 83 -20.94 2.98 -14.13
C ALA B 83 -19.66 2.26 -13.69
N LYS B 84 -18.52 2.83 -14.00
CA LYS B 84 -17.26 2.18 -13.62
C LYS B 84 -16.82 2.63 -12.24
N LYS B 85 -16.10 1.76 -11.55
CA LYS B 85 -15.61 2.04 -10.21
C LYS B 85 -14.09 2.19 -10.18
N GLN B 86 -13.54 2.46 -8.99
CA GLN B 86 -12.11 2.66 -8.84
C GLN B 86 -11.64 2.44 -7.41
N ILE B 87 -10.47 1.85 -7.25
CA ILE B 87 -9.91 1.63 -5.92
C ILE B 87 -8.50 2.20 -5.91
N PRO B 88 -8.18 3.11 -4.99
CA PRO B 88 -6.83 3.64 -5.01
C PRO B 88 -5.84 2.57 -4.60
N CYS B 89 -4.55 2.86 -4.66
CA CYS B 89 -3.56 1.87 -4.31
C CYS B 89 -2.43 2.43 -3.46
N ILE B 90 -2.36 1.97 -2.21
CA ILE B 90 -1.35 2.42 -1.29
C ILE B 90 -0.12 1.50 -1.36
N VAL B 91 1.04 2.07 -1.65
CA VAL B 91 2.27 1.30 -1.74
C VAL B 91 3.25 1.88 -0.75
N SER B 92 3.27 1.34 0.46
CA SER B 92 4.16 1.83 1.51
C SER B 92 5.39 1.01 1.75
N MET B 93 6.51 1.71 1.90
CA MET B 93 7.78 1.09 2.17
C MET B 93 8.37 1.87 3.32
N LEU B 94 7.46 2.47 4.08
CA LEU B 94 7.80 3.25 5.24
C LEU B 94 8.24 2.33 6.36
N THR B 95 9.03 2.84 7.29
CA THR B 95 9.51 2.04 8.41
C THR B 95 8.90 2.49 9.73
N LYS B 96 8.28 3.66 9.74
CA LYS B 96 7.63 4.21 10.93
C LYS B 96 6.25 4.78 10.61
N GLU B 97 5.50 5.14 11.63
CA GLU B 97 4.17 5.72 11.40
C GLU B 97 4.33 7.20 11.17
N LEU B 98 3.45 7.77 10.36
CA LEU B 98 3.55 9.19 10.04
C LEU B 98 2.34 9.99 10.48
N TYR B 99 2.54 10.85 11.48
CA TYR B 99 1.47 11.69 11.97
C TYR B 99 1.82 13.11 11.56
N PHE B 100 0.86 13.84 10.99
CA PHE B 100 1.16 15.21 10.58
C PHE B 100 1.07 16.19 11.76
N TYR B 101 0.38 15.79 12.81
CA TYR B 101 0.24 16.61 13.99
C TYR B 101 1.42 16.34 14.93
N SER C 32 -15.55 2.18 14.94
CA SER C 32 -16.82 2.89 14.58
C SER C 32 -17.30 2.44 13.19
N LEU C 33 -18.49 2.90 12.80
CA LEU C 33 -19.08 2.54 11.50
C LEU C 33 -18.05 2.58 10.39
N ASP C 34 -17.92 1.46 9.68
CA ASP C 34 -16.99 1.35 8.56
C ASP C 34 -15.56 1.83 8.90
N ASN C 35 -15.14 1.69 10.15
CA ASN C 35 -13.79 2.08 10.51
C ASN C 35 -12.93 0.84 10.25
N SER C 36 -13.36 -0.30 10.77
CA SER C 36 -12.60 -1.53 10.62
C SER C 36 -13.40 -2.79 10.19
N TYR C 37 -12.74 -3.69 9.48
CA TYR C 37 -13.40 -4.91 9.04
C TYR C 37 -14.03 -5.68 10.18
N LYS C 38 -15.13 -6.37 9.88
CA LYS C 38 -15.86 -7.18 10.85
C LYS C 38 -15.11 -8.51 10.95
N MET C 39 -14.64 -8.86 12.14
CA MET C 39 -13.93 -10.11 12.30
C MET C 39 -14.66 -11.09 13.22
N ASP C 40 -15.95 -10.84 13.50
CA ASP C 40 -16.75 -11.70 14.37
C ASP C 40 -17.10 -13.04 13.73
N TYR C 41 -17.50 -13.01 12.46
CA TYR C 41 -17.90 -14.24 11.79
C TYR C 41 -17.37 -15.53 12.45
N PRO C 42 -18.19 -16.57 12.46
CA PRO C 42 -17.80 -17.85 13.08
C PRO C 42 -16.31 -18.14 12.88
N GLU C 43 -15.94 -18.52 11.67
CA GLU C 43 -14.55 -18.85 11.34
C GLU C 43 -13.70 -17.60 11.05
N MET C 44 -12.39 -17.72 11.29
CA MET C 44 -11.46 -16.61 11.06
C MET C 44 -11.11 -16.54 9.57
N GLY C 45 -11.12 -17.69 8.94
CA GLY C 45 -10.83 -17.78 7.52
C GLY C 45 -9.71 -18.75 7.19
N LEU C 46 -9.55 -19.01 5.89
CA LEU C 46 -8.52 -19.91 5.41
C LEU C 46 -7.15 -19.20 5.32
N CYS C 47 -6.09 -19.99 5.43
CA CYS C 47 -4.72 -19.48 5.32
C CYS C 47 -3.95 -20.50 4.50
N ILE C 48 -4.09 -20.42 3.18
CA ILE C 48 -3.39 -21.33 2.28
C ILE C 48 -1.91 -20.94 2.18
N ILE C 49 -1.04 -21.88 2.53
CA ILE C 49 0.41 -21.67 2.48
C ILE C 49 1.04 -22.55 1.40
N ILE C 50 1.46 -21.94 0.31
CA ILE C 50 2.09 -22.70 -0.78
C ILE C 50 3.60 -22.66 -0.63
N ASN C 51 4.16 -23.79 -0.24
CA ASN C 51 5.57 -23.91 0.01
C ASN C 51 6.29 -24.71 -1.09
N ASN C 52 6.87 -24.00 -2.07
CA ASN C 52 7.60 -24.65 -3.18
C ASN C 52 9.10 -24.70 -2.93
N LYS C 53 9.61 -25.89 -2.66
CA LYS C 53 11.04 -26.07 -2.36
C LYS C 53 11.88 -26.64 -3.49
N ASN C 54 11.39 -27.65 -4.19
CA ASN C 54 12.16 -28.25 -5.29
C ASN C 54 11.54 -27.98 -6.64
N PHE C 55 12.38 -27.74 -7.64
CA PHE C 55 11.90 -27.44 -8.98
C PHE C 55 12.46 -28.38 -10.07
N HIS C 56 11.66 -28.60 -11.12
CA HIS C 56 12.05 -29.47 -12.22
C HIS C 56 13.34 -28.98 -12.83
N LYS C 57 14.19 -29.91 -13.29
CA LYS C 57 15.44 -29.50 -13.91
C LYS C 57 15.14 -28.62 -15.12
N SER C 58 13.95 -28.80 -15.69
CA SER C 58 13.52 -28.04 -16.85
C SER C 58 13.39 -26.53 -16.60
N THR C 59 13.21 -26.15 -15.34
CA THR C 59 13.05 -24.74 -14.99
C THR C 59 14.39 -24.06 -14.85
N GLY C 60 15.39 -24.82 -14.44
CA GLY C 60 16.73 -24.26 -14.27
C GLY C 60 16.88 -23.63 -12.90
N MET C 61 15.77 -23.58 -12.18
CA MET C 61 15.74 -23.00 -10.84
C MET C 61 16.29 -23.94 -9.78
N THR C 62 17.09 -23.41 -8.88
CA THR C 62 17.68 -24.21 -7.81
C THR C 62 16.68 -24.35 -6.67
N SER C 63 16.98 -25.26 -5.76
CA SER C 63 16.11 -25.50 -4.63
C SER C 63 16.12 -24.30 -3.68
N ARG C 64 15.09 -24.21 -2.85
CA ARG C 64 14.98 -23.13 -1.90
C ARG C 64 15.05 -23.72 -0.49
N SER C 65 16.20 -24.32 -0.20
CA SER C 65 16.42 -24.92 1.11
C SER C 65 16.12 -23.88 2.18
N GLY C 66 15.61 -24.35 3.31
CA GLY C 66 15.29 -23.43 4.40
C GLY C 66 13.88 -22.89 4.29
N THR C 67 13.22 -23.16 3.16
CA THR C 67 11.87 -22.68 2.94
C THR C 67 10.89 -23.30 3.95
N ASP C 68 11.18 -24.52 4.40
CA ASP C 68 10.31 -25.21 5.35
C ASP C 68 10.22 -24.52 6.71
N VAL C 69 11.31 -23.91 7.16
CA VAL C 69 11.29 -23.20 8.43
C VAL C 69 10.21 -22.11 8.34
N ASP C 70 10.11 -21.47 7.19
CA ASP C 70 9.11 -20.45 6.97
C ASP C 70 7.74 -21.10 7.04
N ALA C 71 7.51 -22.08 6.15
CA ALA C 71 6.25 -22.80 6.08
C ALA C 71 5.80 -23.23 7.48
N ALA C 72 6.77 -23.66 8.27
CA ALA C 72 6.46 -24.08 9.62
C ALA C 72 6.02 -22.85 10.42
N ASN C 73 6.93 -21.89 10.57
CA ASN C 73 6.65 -20.68 11.34
C ASN C 73 5.32 -20.01 11.01
N LEU C 74 5.01 -19.89 9.73
CA LEU C 74 3.75 -19.29 9.30
C LEU C 74 2.58 -20.09 9.86
N ARG C 75 2.64 -21.41 9.68
CA ARG C 75 1.60 -22.30 10.16
C ARG C 75 1.31 -22.03 11.65
N GLU C 76 2.35 -22.09 12.49
CA GLU C 76 2.17 -21.82 13.92
C GLU C 76 1.53 -20.45 14.10
N THR C 77 2.17 -19.44 13.54
CA THR C 77 1.70 -18.06 13.65
C THR C 77 0.22 -17.88 13.37
N PHE C 78 -0.23 -18.32 12.19
CA PHE C 78 -1.62 -18.16 11.81
C PHE C 78 -2.57 -19.11 12.50
N ARG C 79 -2.06 -20.22 13.02
CA ARG C 79 -2.95 -21.12 13.75
C ARG C 79 -3.28 -20.36 15.02
N ASN C 80 -2.26 -19.83 15.68
CA ASN C 80 -2.46 -19.09 16.91
C ASN C 80 -3.43 -17.94 16.68
N LEU C 81 -3.63 -17.55 15.43
CA LEU C 81 -4.56 -16.47 15.09
C LEU C 81 -5.95 -17.02 14.77
N LYS C 82 -6.09 -18.33 14.96
CA LYS C 82 -7.35 -19.03 14.74
C LYS C 82 -7.73 -19.20 13.30
N TYR C 83 -6.74 -19.23 12.42
CA TYR C 83 -7.01 -19.43 11.01
C TYR C 83 -7.00 -20.93 10.72
N GLU C 84 -7.72 -21.33 9.68
CA GLU C 84 -7.75 -22.72 9.30
C GLU C 84 -6.62 -22.87 8.30
N VAL C 85 -5.44 -23.24 8.79
CA VAL C 85 -4.26 -23.37 7.92
C VAL C 85 -4.24 -24.63 7.06
N ARG C 86 -3.74 -24.47 5.83
CA ARG C 86 -3.64 -25.60 4.92
C ARG C 86 -2.33 -25.50 4.15
N ASN C 87 -1.37 -26.36 4.46
CA ASN C 87 -0.09 -26.31 3.76
C ASN C 87 -0.09 -27.13 2.47
N LYS C 88 0.68 -26.66 1.51
CA LYS C 88 0.81 -27.34 0.22
C LYS C 88 2.29 -27.26 -0.17
N ASN C 89 2.81 -28.30 -0.81
CA ASN C 89 4.22 -28.26 -1.16
C ASN C 89 4.52 -28.68 -2.59
N ASP C 90 5.53 -28.03 -3.15
CA ASP C 90 5.98 -28.29 -4.51
C ASP C 90 4.84 -28.50 -5.52
N LEU C 91 3.90 -27.56 -5.57
CA LEU C 91 2.79 -27.66 -6.51
C LEU C 91 3.27 -27.13 -7.87
N THR C 92 2.60 -27.53 -8.93
CA THR C 92 2.95 -27.06 -10.27
C THR C 92 2.07 -25.83 -10.56
N ARG C 93 2.41 -25.07 -11.60
CA ARG C 93 1.60 -23.89 -11.90
C ARG C 93 0.14 -24.31 -12.02
N GLU C 94 -0.09 -25.44 -12.69
CA GLU C 94 -1.45 -25.94 -12.88
C GLU C 94 -2.08 -26.22 -11.54
N GLU C 95 -1.38 -26.98 -10.70
CA GLU C 95 -1.89 -27.31 -9.38
C GLU C 95 -2.25 -26.07 -8.59
N ILE C 96 -1.40 -25.05 -8.68
CA ILE C 96 -1.65 -23.80 -7.96
C ILE C 96 -2.92 -23.15 -8.51
N VAL C 97 -2.96 -22.94 -9.83
CA VAL C 97 -4.13 -22.33 -10.45
C VAL C 97 -5.36 -23.09 -10.03
N GLU C 98 -5.26 -24.42 -10.12
CA GLU C 98 -6.36 -25.30 -9.75
C GLU C 98 -6.71 -25.16 -8.28
N LEU C 99 -5.69 -25.20 -7.42
CA LEU C 99 -5.91 -25.07 -5.99
C LEU C 99 -6.69 -23.79 -5.67
N MET C 100 -6.18 -22.66 -6.18
CA MET C 100 -6.84 -21.39 -5.95
C MET C 100 -8.29 -21.45 -6.45
N ARG C 101 -8.47 -21.86 -7.71
CA ARG C 101 -9.81 -21.94 -8.29
C ARG C 101 -10.77 -22.71 -7.38
N ASP C 102 -10.32 -23.84 -6.87
CA ASP C 102 -11.18 -24.63 -6.01
C ASP C 102 -11.48 -23.85 -4.76
N VAL C 103 -10.45 -23.38 -4.08
CA VAL C 103 -10.66 -22.63 -2.83
C VAL C 103 -11.52 -21.40 -3.04
N SER C 104 -11.44 -20.81 -4.23
CA SER C 104 -12.22 -19.63 -4.54
C SER C 104 -13.69 -19.98 -4.66
N LYS C 105 -13.97 -21.27 -4.80
CA LYS C 105 -15.36 -21.71 -4.95
C LYS C 105 -16.00 -22.29 -3.69
N GLU C 106 -15.23 -22.36 -2.60
CA GLU C 106 -15.77 -22.84 -1.33
C GLU C 106 -16.75 -21.75 -0.89
N ASP C 107 -17.40 -21.95 0.25
CA ASP C 107 -18.35 -20.98 0.75
C ASP C 107 -17.80 -20.28 2.00
N HIS C 108 -17.14 -19.15 1.80
CA HIS C 108 -16.52 -18.38 2.89
C HIS C 108 -17.52 -17.53 3.68
N SER C 109 -18.81 -17.78 3.46
CA SER C 109 -19.86 -17.03 4.15
C SER C 109 -19.65 -16.84 5.65
N LYS C 110 -19.27 -17.91 6.35
CA LYS C 110 -19.08 -17.81 7.79
C LYS C 110 -17.64 -17.43 8.19
N ARG C 111 -16.81 -17.16 7.18
CA ARG C 111 -15.40 -16.79 7.39
C ARG C 111 -15.18 -15.27 7.29
N SER C 112 -14.39 -14.72 8.22
CA SER C 112 -14.10 -13.29 8.26
C SER C 112 -13.09 -12.78 7.24
N SER C 113 -12.19 -13.64 6.81
CA SER C 113 -11.16 -13.23 5.86
C SER C 113 -10.54 -14.36 5.07
N PHE C 114 -9.49 -14.05 4.33
CA PHE C 114 -8.78 -15.03 3.54
C PHE C 114 -7.32 -14.66 3.43
N VAL C 115 -6.45 -15.64 3.61
CA VAL C 115 -5.02 -15.40 3.53
C VAL C 115 -4.33 -16.47 2.69
N CYS C 116 -3.42 -16.03 1.82
CA CYS C 116 -2.68 -16.94 0.95
C CYS C 116 -1.23 -16.54 1.02
N VAL C 117 -0.36 -17.49 1.34
CA VAL C 117 1.07 -17.21 1.45
C VAL C 117 1.84 -17.99 0.41
N LEU C 118 2.53 -17.28 -0.47
CA LEU C 118 3.31 -17.92 -1.52
C LEU C 118 4.81 -17.87 -1.22
N LEU C 119 5.46 -19.03 -1.28
CA LEU C 119 6.90 -19.13 -1.02
C LEU C 119 7.48 -19.84 -2.24
N SER C 120 8.18 -19.09 -3.10
CA SER C 120 8.72 -19.67 -4.32
C SER C 120 9.62 -18.67 -5.03
N HIS C 121 10.14 -19.05 -6.19
CA HIS C 121 10.98 -18.14 -6.96
C HIS C 121 10.04 -17.17 -7.65
N GLY C 122 10.59 -16.10 -8.19
CA GLY C 122 9.76 -15.13 -8.88
C GLY C 122 10.48 -13.92 -9.40
N GLU C 123 9.74 -13.08 -10.11
CA GLU C 123 10.26 -11.84 -10.66
C GLU C 123 9.07 -10.94 -10.78
N GLU C 124 9.28 -9.71 -11.21
CA GLU C 124 8.20 -8.75 -11.34
C GLU C 124 6.90 -9.40 -11.78
N GLY C 125 5.96 -9.47 -10.86
CA GLY C 125 4.65 -10.04 -11.14
C GLY C 125 4.50 -11.52 -11.42
N ILE C 126 5.55 -12.28 -11.12
CA ILE C 126 5.50 -13.71 -11.38
C ILE C 126 5.91 -14.52 -10.17
N ILE C 127 5.34 -15.71 -10.05
CA ILE C 127 5.68 -16.61 -8.97
C ILE C 127 5.86 -17.96 -9.65
N PHE C 128 6.73 -18.80 -9.12
CA PHE C 128 6.99 -20.10 -9.74
C PHE C 128 6.32 -21.32 -9.17
N GLY C 129 5.88 -22.18 -10.07
CA GLY C 129 5.31 -23.45 -9.68
C GLY C 129 6.51 -24.34 -9.95
N THR C 130 6.62 -25.48 -9.30
CA THR C 130 7.77 -26.35 -9.51
C THR C 130 8.16 -26.57 -10.98
N ASN C 131 7.22 -26.37 -11.89
CA ASN C 131 7.49 -26.60 -13.31
C ASN C 131 7.45 -25.33 -14.17
N GLY C 132 7.33 -24.17 -13.55
CA GLY C 132 7.29 -22.94 -14.33
C GLY C 132 6.62 -21.75 -13.66
N PRO C 133 6.69 -20.59 -14.30
CA PRO C 133 6.11 -19.33 -13.82
C PRO C 133 4.61 -19.22 -14.04
N VAL C 134 3.99 -18.35 -13.26
CA VAL C 134 2.54 -18.08 -13.34
C VAL C 134 2.35 -16.61 -12.98
N ASP C 135 1.38 -15.96 -13.58
CA ASP C 135 1.14 -14.57 -13.25
C ASP C 135 0.39 -14.47 -11.92
N LEU C 136 0.93 -13.68 -10.98
CA LEU C 136 0.30 -13.51 -9.70
C LEU C 136 -1.15 -13.11 -9.94
N LYS C 137 -1.33 -12.24 -10.93
CA LYS C 137 -2.65 -11.75 -11.29
C LYS C 137 -3.60 -12.93 -11.54
N LYS C 138 -3.15 -13.95 -12.25
CA LYS C 138 -4.02 -15.09 -12.50
C LYS C 138 -4.44 -15.76 -11.19
N ILE C 139 -3.52 -15.89 -10.24
CA ILE C 139 -3.85 -16.50 -8.97
C ILE C 139 -4.82 -15.59 -8.23
N THR C 140 -4.47 -14.32 -8.21
CA THR C 140 -5.26 -13.29 -7.55
C THR C 140 -6.69 -13.10 -8.04
N ASN C 141 -6.87 -13.09 -9.35
CA ASN C 141 -8.19 -12.87 -9.93
C ASN C 141 -9.30 -13.79 -9.44
N PHE C 142 -8.95 -15.01 -9.06
CA PHE C 142 -9.96 -15.93 -8.57
C PHE C 142 -10.76 -15.39 -7.41
N PHE C 143 -10.20 -14.41 -6.70
CA PHE C 143 -10.88 -13.84 -5.56
C PHE C 143 -11.45 -12.45 -5.77
N ARG C 144 -11.49 -11.99 -7.02
CA ARG C 144 -12.06 -10.67 -7.32
C ARG C 144 -13.46 -10.57 -6.73
N GLY C 145 -13.79 -9.39 -6.23
CA GLY C 145 -15.09 -9.19 -5.60
C GLY C 145 -16.29 -9.75 -6.35
N ASP C 146 -16.14 -10.01 -7.65
CA ASP C 146 -17.24 -10.50 -8.44
C ASP C 146 -17.10 -11.97 -8.81
N ARG C 147 -15.96 -12.57 -8.47
CA ARG C 147 -15.72 -13.97 -8.77
C ARG C 147 -15.75 -14.86 -7.52
N CYS C 148 -15.86 -14.24 -6.36
CA CYS C 148 -15.92 -14.99 -5.12
C CYS C 148 -16.79 -14.20 -4.15
N ARG C 149 -18.06 -14.07 -4.51
CA ARG C 149 -19.04 -13.33 -3.73
C ARG C 149 -18.98 -13.61 -2.24
N SER C 150 -18.63 -14.84 -1.89
CA SER C 150 -18.55 -15.23 -0.50
C SER C 150 -17.53 -14.38 0.29
N LEU C 151 -16.57 -13.78 -0.41
CA LEU C 151 -15.53 -12.96 0.23
C LEU C 151 -15.68 -11.47 -0.02
N THR C 152 -16.65 -11.08 -0.84
CA THR C 152 -16.84 -9.68 -1.13
C THR C 152 -16.91 -8.85 0.15
N GLY C 153 -16.23 -7.70 0.15
CA GLY C 153 -16.26 -6.85 1.31
C GLY C 153 -15.40 -7.35 2.46
N LYS C 154 -14.79 -8.51 2.28
CA LYS C 154 -13.93 -9.07 3.30
C LYS C 154 -12.48 -8.94 2.86
N PRO C 155 -11.56 -8.73 3.81
CA PRO C 155 -10.16 -8.59 3.45
C PRO C 155 -9.52 -9.86 2.93
N LYS C 156 -8.90 -9.75 1.76
CA LYS C 156 -8.20 -10.84 1.10
C LYS C 156 -6.70 -10.47 1.15
N LEU C 157 -5.92 -11.23 1.92
CA LEU C 157 -4.51 -10.94 2.07
C LEU C 157 -3.57 -11.91 1.37
N PHE C 158 -2.66 -11.41 0.53
CA PHE C 158 -1.69 -12.26 -0.14
C PHE C 158 -0.29 -11.90 0.30
N ILE C 159 0.43 -12.87 0.85
CA ILE C 159 1.77 -12.65 1.34
C ILE C 159 2.72 -13.35 0.39
N ILE C 160 3.59 -12.58 -0.27
CA ILE C 160 4.53 -13.15 -1.23
C ILE C 160 6.00 -13.04 -0.86
N GLN C 161 6.61 -14.19 -0.60
CA GLN C 161 8.02 -14.25 -0.29
C GLN C 161 8.68 -14.79 -1.55
N ALA C 162 9.07 -13.88 -2.43
CA ALA C 162 9.71 -14.23 -3.69
C ALA C 162 10.37 -13.01 -4.30
N ALA C 163 11.33 -13.24 -5.19
CA ALA C 163 12.03 -12.16 -5.85
C ALA C 163 11.10 -11.50 -6.84
N ARG C 164 11.36 -10.22 -7.12
CA ARG C 164 10.58 -9.45 -8.07
C ARG C 164 11.57 -8.82 -9.04
N GLY C 165 12.67 -9.51 -9.26
CA GLY C 165 13.70 -9.00 -10.14
C GLY C 165 15.05 -9.39 -9.60
N THR C 166 16.12 -8.80 -10.13
CA THR C 166 17.45 -9.14 -9.66
C THR C 166 18.24 -7.96 -9.09
N GLU C 167 17.57 -6.83 -8.90
CA GLU C 167 18.22 -5.66 -8.34
C GLU C 167 18.62 -5.93 -6.89
N LEU C 168 19.68 -5.29 -6.44
CA LEU C 168 20.11 -5.47 -5.07
C LEU C 168 20.22 -4.11 -4.41
N ASP C 169 19.77 -3.99 -3.17
CA ASP C 169 19.85 -2.71 -2.48
C ASP C 169 21.22 -2.64 -1.83
N CYS C 170 22.03 -1.68 -2.27
CA CYS C 170 23.39 -1.52 -1.74
C CYS C 170 23.33 -0.88 -0.37
N GLY C 171 22.20 -0.26 -0.06
CA GLY C 171 22.04 0.36 1.23
C GLY C 171 22.77 1.68 1.35
N ILE C 172 22.52 2.38 2.46
CA ILE C 172 23.16 3.66 2.74
C ILE C 172 23.48 3.70 4.22
N GLU C 173 24.61 4.31 4.57
CA GLU C 173 24.98 4.37 5.97
C GLU C 173 24.14 5.31 6.85
N THR C 174 23.99 4.88 8.09
CA THR C 174 23.21 5.62 9.07
C THR C 174 24.08 6.19 10.18
N ASP C 175 23.97 7.50 10.37
CA ASP C 175 24.72 8.18 11.42
C ASP C 175 24.69 7.27 12.65
N SER D 1 -30.69 -4.34 -23.32
CA SER D 1 -30.40 -2.93 -22.88
C SER D 1 -30.47 -2.80 -21.37
N GLY D 2 -30.28 -1.58 -20.89
CA GLY D 2 -30.32 -1.30 -19.46
C GLY D 2 -31.33 -0.23 -19.06
N VAL D 3 -31.63 -0.16 -17.76
CA VAL D 3 -32.58 0.80 -17.25
C VAL D 3 -31.90 1.94 -16.47
N ASP D 4 -32.58 3.07 -16.32
CA ASP D 4 -32.03 4.22 -15.60
C ASP D 4 -31.99 4.07 -14.08
N ASP D 5 -31.86 2.84 -13.58
CA ASP D 5 -31.82 2.64 -12.13
C ASP D 5 -30.38 2.78 -11.57
N ASP D 6 -29.58 3.63 -12.19
CA ASP D 6 -28.21 3.86 -11.76
C ASP D 6 -28.11 4.33 -10.31
N MET D 7 -29.06 5.14 -9.88
CA MET D 7 -29.01 5.66 -8.51
C MET D 7 -29.49 4.69 -7.45
N ALA D 8 -30.07 3.56 -7.85
CA ALA D 8 -30.58 2.59 -6.88
C ALA D 8 -29.69 1.34 -6.72
N CYS D 9 -28.60 1.29 -7.46
CA CYS D 9 -27.73 0.13 -7.43
C CYS D 9 -26.38 0.52 -6.84
N HIS D 10 -25.97 -0.13 -5.75
CA HIS D 10 -24.69 0.22 -5.15
C HIS D 10 -23.58 -0.81 -5.35
N LYS D 11 -22.41 -0.35 -5.79
CA LYS D 11 -21.27 -1.22 -6.06
C LYS D 11 -19.94 -0.84 -5.41
N ILE D 12 -19.05 -1.81 -5.33
CA ILE D 12 -17.70 -1.60 -4.80
C ILE D 12 -16.77 -2.20 -5.85
N PRO D 13 -15.56 -1.65 -5.97
CA PRO D 13 -14.60 -2.16 -6.95
C PRO D 13 -14.32 -3.64 -6.76
N VAL D 14 -14.27 -4.38 -7.86
CA VAL D 14 -14.00 -5.81 -7.80
C VAL D 14 -12.57 -6.05 -7.36
N GLU D 15 -11.77 -4.99 -7.44
CA GLU D 15 -10.37 -5.06 -7.09
C GLU D 15 -10.11 -4.55 -5.67
N ALA D 16 -11.16 -4.06 -5.02
CA ALA D 16 -11.05 -3.53 -3.68
C ALA D 16 -10.92 -4.62 -2.65
N ASP D 17 -10.48 -4.23 -1.45
CA ASP D 17 -10.33 -5.16 -0.32
C ASP D 17 -9.22 -6.19 -0.49
N PHE D 18 -8.19 -5.87 -1.25
CA PHE D 18 -7.07 -6.77 -1.44
C PHE D 18 -5.86 -6.16 -0.77
N LEU D 19 -5.00 -7.01 -0.22
CA LEU D 19 -3.78 -6.52 0.39
C LEU D 19 -2.66 -7.44 0.00
N TYR D 20 -1.64 -6.89 -0.64
CA TYR D 20 -0.48 -7.66 -1.06
C TYR D 20 0.73 -7.25 -0.24
N ALA D 21 1.18 -8.14 0.64
CA ALA D 21 2.35 -7.88 1.46
C ALA D 21 3.54 -8.53 0.79
N TYR D 22 4.26 -7.75 -0.01
CA TYR D 22 5.45 -8.23 -0.71
C TYR D 22 6.70 -8.17 0.17
N SER D 23 7.61 -9.12 -0.04
CA SER D 23 8.84 -9.17 0.76
C SER D 23 9.92 -8.17 0.31
N THR D 24 9.86 -7.76 -0.95
CA THR D 24 10.87 -6.84 -1.46
C THR D 24 10.23 -5.84 -2.42
N ALA D 25 10.90 -4.69 -2.58
CA ALA D 25 10.43 -3.65 -3.47
C ALA D 25 10.38 -4.18 -4.91
N PRO D 26 9.55 -3.58 -5.76
CA PRO D 26 9.45 -4.02 -7.15
C PRO D 26 10.82 -4.05 -7.81
N GLY D 27 11.03 -4.99 -8.72
CA GLY D 27 12.30 -5.08 -9.41
C GLY D 27 13.44 -5.63 -8.59
N TYR D 28 13.28 -5.72 -7.28
CA TYR D 28 14.37 -6.21 -6.45
C TYR D 28 14.36 -7.69 -6.11
N TYR D 29 15.53 -8.17 -5.70
CA TYR D 29 15.72 -9.56 -5.30
C TYR D 29 15.17 -9.71 -3.89
N SER D 30 14.96 -10.94 -3.43
CA SER D 30 14.47 -11.17 -2.08
C SER D 30 15.37 -12.20 -1.44
N TRP D 31 15.93 -11.86 -0.28
CA TRP D 31 16.86 -12.75 0.41
C TRP D 31 16.34 -13.89 1.28
N ARG D 32 17.10 -14.98 1.32
CA ARG D 32 16.79 -16.14 2.14
C ARG D 32 18.02 -16.50 2.95
N ASN D 33 17.85 -16.99 4.17
CA ASN D 33 19.02 -17.37 4.95
C ASN D 33 19.46 -18.76 4.51
N SER D 34 20.77 -18.96 4.41
CA SER D 34 21.34 -20.24 4.01
C SER D 34 20.38 -21.38 4.33
N LYS D 35 19.89 -21.44 5.57
CA LYS D 35 18.95 -22.49 5.93
C LYS D 35 17.96 -22.12 7.05
N ASP D 36 17.98 -20.87 7.49
CA ASP D 36 17.10 -20.42 8.56
C ASP D 36 15.88 -19.61 8.09
N GLY D 37 15.29 -19.99 6.96
CA GLY D 37 14.12 -19.26 6.48
C GLY D 37 14.45 -17.98 5.74
N SER D 38 13.44 -17.11 5.57
CA SER D 38 13.69 -15.86 4.86
C SER D 38 13.55 -14.66 5.78
N TRP D 39 14.28 -13.60 5.45
CA TRP D 39 14.26 -12.37 6.23
C TRP D 39 12.83 -11.87 6.52
N PHE D 40 12.04 -11.75 5.45
CA PHE D 40 10.67 -11.27 5.52
C PHE D 40 9.74 -12.14 6.37
N ILE D 41 9.57 -13.38 5.96
CA ILE D 41 8.70 -14.27 6.71
C ILE D 41 9.10 -14.29 8.17
N GLN D 42 10.41 -14.37 8.42
CA GLN D 42 10.93 -14.40 9.77
C GLN D 42 10.41 -13.20 10.57
N SER D 43 10.52 -12.01 9.98
CA SER D 43 10.06 -10.81 10.63
C SER D 43 8.54 -10.74 10.72
N LEU D 44 7.86 -11.20 9.67
CA LEU D 44 6.41 -11.19 9.63
C LEU D 44 5.86 -11.91 10.85
N CYS D 45 6.22 -13.17 10.99
CA CYS D 45 5.75 -13.96 12.13
C CYS D 45 6.11 -13.26 13.43
N ALA D 46 7.37 -12.87 13.57
CA ALA D 46 7.80 -12.19 14.78
C ALA D 46 6.85 -11.07 15.14
N MET D 47 6.66 -10.13 14.21
CA MET D 47 5.77 -9.02 14.49
C MET D 47 4.31 -9.46 14.69
N LEU D 48 3.87 -10.47 13.94
CA LEU D 48 2.50 -10.93 14.12
C LEU D 48 2.34 -11.50 15.53
N LYS D 49 3.36 -12.22 15.98
CA LYS D 49 3.33 -12.82 17.31
C LYS D 49 3.24 -11.77 18.41
N GLN D 50 4.06 -10.73 18.33
CA GLN D 50 4.04 -9.66 19.34
C GLN D 50 2.85 -8.72 19.27
N TYR D 51 2.47 -8.30 18.07
CA TYR D 51 1.40 -7.32 17.98
C TYR D 51 0.02 -7.69 17.46
N ALA D 52 -0.14 -8.91 16.93
CA ALA D 52 -1.43 -9.31 16.39
C ALA D 52 -2.60 -8.85 17.29
N ASP D 53 -2.40 -8.92 18.59
CA ASP D 53 -3.44 -8.56 19.54
C ASP D 53 -3.45 -7.12 20.01
N LYS D 54 -2.69 -6.24 19.38
CA LYS D 54 -2.71 -4.86 19.84
C LYS D 54 -2.35 -3.80 18.80
N LEU D 55 -2.35 -4.18 17.53
CA LEU D 55 -2.05 -3.24 16.46
C LEU D 55 -2.82 -3.54 15.20
N GLU D 56 -3.06 -2.50 14.41
CA GLU D 56 -3.76 -2.62 13.16
C GLU D 56 -2.76 -3.28 12.19
N PHE D 57 -3.25 -4.04 11.22
CA PHE D 57 -2.38 -4.75 10.30
C PHE D 57 -1.31 -3.87 9.59
N MET D 58 -1.73 -2.72 9.05
CA MET D 58 -0.80 -1.83 8.39
C MET D 58 0.38 -1.50 9.28
N HIS D 59 0.08 -1.18 10.54
CA HIS D 59 1.13 -0.84 11.47
C HIS D 59 1.99 -2.05 11.77
N ILE D 60 1.39 -3.23 11.82
CA ILE D 60 2.18 -4.41 12.07
C ILE D 60 3.15 -4.59 10.90
N LEU D 61 2.63 -4.54 9.68
CA LEU D 61 3.47 -4.70 8.51
C LEU D 61 4.46 -3.56 8.36
N THR D 62 4.20 -2.44 9.02
CA THR D 62 5.14 -1.33 8.97
C THR D 62 6.24 -1.64 9.96
N ARG D 63 5.92 -2.49 10.93
CA ARG D 63 6.89 -2.91 11.92
C ARG D 63 7.85 -3.85 11.20
N VAL D 64 7.28 -4.71 10.37
CA VAL D 64 8.05 -5.68 9.61
C VAL D 64 9.01 -4.95 8.67
N ASN D 65 8.54 -3.87 8.07
CA ASN D 65 9.37 -3.09 7.17
C ASN D 65 10.60 -2.62 7.92
N ARG D 66 10.39 -2.04 9.09
CA ARG D 66 11.51 -1.56 9.87
C ARG D 66 12.42 -2.70 10.30
N LYS D 67 11.81 -3.81 10.73
CA LYS D 67 12.62 -4.94 11.19
C LYS D 67 13.52 -5.41 10.08
N VAL D 68 12.96 -5.66 8.90
CA VAL D 68 13.75 -6.14 7.78
C VAL D 68 14.78 -5.09 7.34
N ALA D 69 14.36 -3.84 7.28
CA ALA D 69 15.25 -2.75 6.86
C ALA D 69 16.37 -2.48 7.84
N THR D 70 16.09 -2.64 9.11
CA THR D 70 17.02 -2.37 10.18
C THR D 70 17.92 -3.49 10.65
N GLU D 71 17.34 -4.63 10.97
CA GLU D 71 18.12 -5.75 11.49
C GLU D 71 18.77 -6.69 10.48
N PHE D 72 18.52 -6.52 9.19
CA PHE D 72 19.13 -7.41 8.22
C PHE D 72 20.07 -6.79 7.20
N GLU D 73 21.11 -7.56 6.85
CA GLU D 73 22.14 -7.18 5.86
C GLU D 73 22.76 -8.51 5.45
N SER D 74 22.88 -8.75 4.15
CA SER D 74 23.42 -10.03 3.69
C SER D 74 24.91 -10.22 3.93
N PHE D 75 25.32 -11.48 3.85
CA PHE D 75 26.72 -11.84 4.01
C PHE D 75 27.06 -12.88 2.94
N SER D 76 27.97 -12.52 2.05
CA SER D 76 28.39 -13.43 1.00
C SER D 76 29.87 -13.28 0.82
N PHE D 77 30.53 -14.36 0.39
CA PHE D 77 31.97 -14.31 0.17
C PHE D 77 32.22 -13.65 -1.17
N ASP D 78 31.16 -13.52 -1.97
CA ASP D 78 31.25 -12.87 -3.27
C ASP D 78 30.83 -11.42 -3.05
N ALA D 79 31.77 -10.50 -3.24
CA ALA D 79 31.50 -9.07 -3.04
C ALA D 79 30.22 -8.60 -3.74
N THR D 80 29.92 -9.22 -4.87
CA THR D 80 28.74 -8.84 -5.64
C THR D 80 27.44 -8.92 -4.86
N PHE D 81 27.36 -9.86 -3.91
CA PHE D 81 26.14 -10.05 -3.14
C PHE D 81 26.28 -9.77 -1.65
N HIS D 82 27.44 -9.28 -1.23
CA HIS D 82 27.70 -9.01 0.17
C HIS D 82 27.20 -7.68 0.69
N ALA D 83 26.77 -7.67 1.95
CA ALA D 83 26.28 -6.47 2.62
C ALA D 83 25.09 -5.81 1.96
N LYS D 84 24.20 -6.62 1.37
CA LYS D 84 23.03 -6.05 0.71
C LYS D 84 21.87 -5.90 1.69
N LYS D 85 21.00 -4.94 1.41
CA LYS D 85 19.85 -4.68 2.26
C LYS D 85 18.55 -5.02 1.55
N GLN D 86 17.43 -4.80 2.24
CA GLN D 86 16.12 -5.11 1.69
C GLN D 86 14.99 -4.35 2.39
N ILE D 87 14.00 -3.93 1.62
CA ILE D 87 12.85 -3.24 2.19
C ILE D 87 11.59 -3.93 1.71
N PRO D 88 10.73 -4.40 2.63
CA PRO D 88 9.53 -5.07 2.13
C PRO D 88 8.64 -4.05 1.44
N CYS D 89 7.57 -4.53 0.83
CA CYS D 89 6.65 -3.63 0.14
C CYS D 89 5.17 -3.91 0.40
N ILE D 90 4.53 -2.98 1.09
CA ILE D 90 3.11 -3.10 1.42
C ILE D 90 2.26 -2.48 0.33
N VAL D 91 1.37 -3.28 -0.25
CA VAL D 91 0.47 -2.80 -1.29
C VAL D 91 -0.97 -3.00 -0.84
N SER D 92 -1.53 -2.00 -0.18
CA SER D 92 -2.89 -2.10 0.33
C SER D 92 -3.96 -1.45 -0.52
N MET D 93 -5.06 -2.17 -0.69
CA MET D 93 -6.19 -1.65 -1.44
C MET D 93 -7.38 -1.92 -0.56
N LEU D 94 -7.10 -2.00 0.73
CA LEU D 94 -8.09 -2.25 1.75
C LEU D 94 -8.93 -1.00 1.94
N THR D 95 -10.17 -1.18 2.41
CA THR D 95 -11.06 -0.05 2.64
C THR D 95 -11.28 0.22 4.12
N LYS D 96 -10.93 -0.74 4.96
CA LYS D 96 -11.09 -0.59 6.41
C LYS D 96 -9.83 -1.06 7.14
N GLU D 97 -9.78 -0.82 8.45
CA GLU D 97 -8.62 -1.27 9.22
C GLU D 97 -8.83 -2.72 9.61
N LEU D 98 -7.74 -3.47 9.73
CA LEU D 98 -7.83 -4.88 10.07
C LEU D 98 -7.15 -5.22 11.39
N TYR D 99 -7.96 -5.60 12.37
CA TYR D 99 -7.42 -5.98 13.67
C TYR D 99 -7.67 -7.47 13.81
N PHE D 100 -6.66 -8.22 14.21
CA PHE D 100 -6.87 -9.65 14.35
C PHE D 100 -7.54 -10.00 15.68
N TYR D 101 -7.46 -9.08 16.64
CA TYR D 101 -8.07 -9.30 17.93
C TYR D 101 -9.52 -8.81 17.88
N PHE E 8 -11.75 5.76 -37.64
CA PHE E 8 -10.90 4.81 -36.86
C PHE E 8 -11.03 3.38 -37.40
N ALA E 9 -12.21 2.78 -37.19
CA ALA E 9 -12.48 1.41 -37.65
C ALA E 9 -11.99 1.19 -39.07
N LEU E 10 -11.92 2.26 -39.86
CA LEU E 10 -11.45 2.18 -41.24
C LEU E 10 -9.92 2.29 -41.26
N ASP E 11 -9.39 3.27 -40.55
CA ASP E 11 -7.94 3.50 -40.48
C ASP E 11 -7.19 2.38 -39.76
N ARG E 12 -7.56 2.12 -38.51
CA ARG E 12 -6.93 1.07 -37.72
C ARG E 12 -7.98 0.03 -37.33
N PRO E 13 -8.40 -0.78 -38.32
CA PRO E 13 -9.40 -1.83 -38.17
C PRO E 13 -9.10 -2.82 -37.05
N SER E 14 -7.85 -3.25 -36.96
CA SER E 14 -7.45 -4.21 -35.94
C SER E 14 -7.27 -3.68 -34.50
N GLU E 15 -7.19 -2.37 -34.33
CA GLU E 15 -7.00 -1.82 -32.98
C GLU E 15 -8.37 -1.58 -32.35
N THR E 16 -8.38 -1.20 -31.06
CA THR E 16 -9.63 -0.94 -30.33
C THR E 16 -9.80 0.51 -29.90
N HIS E 17 -10.79 1.13 -30.51
CA HIS E 17 -11.16 2.52 -30.27
C HIS E 17 -11.24 2.81 -28.77
N ALA E 18 -11.94 1.97 -28.03
CA ALA E 18 -12.10 2.16 -26.59
C ALA E 18 -10.76 2.35 -25.91
N ASP E 19 -9.84 1.43 -26.18
CA ASP E 19 -8.50 1.49 -25.58
C ASP E 19 -7.83 2.77 -26.01
N TYR E 20 -8.11 3.20 -27.24
CA TYR E 20 -7.54 4.44 -27.75
C TYR E 20 -7.99 5.61 -26.87
N LEU E 21 -9.30 5.80 -26.80
CA LEU E 21 -9.89 6.86 -26.00
C LEU E 21 -9.38 6.93 -24.58
N LEU E 22 -9.10 5.78 -23.98
CA LEU E 22 -8.60 5.72 -22.62
C LEU E 22 -7.13 6.12 -22.54
N ARG E 23 -6.28 5.48 -23.33
CA ARG E 23 -4.85 5.78 -23.34
C ARG E 23 -4.61 7.27 -23.57
N THR E 24 -5.44 7.87 -24.40
CA THR E 24 -5.33 9.29 -24.72
C THR E 24 -6.03 10.14 -23.68
N GLY E 25 -6.59 9.51 -22.66
CA GLY E 25 -7.27 10.23 -21.61
C GLY E 25 -8.48 11.07 -21.98
N GLN E 26 -9.27 10.61 -22.94
CA GLN E 26 -10.46 11.34 -23.36
C GLN E 26 -11.68 10.88 -22.57
N VAL E 27 -11.58 9.74 -21.92
CA VAL E 27 -12.69 9.23 -21.15
C VAL E 27 -12.78 10.01 -19.86
N VAL E 28 -13.98 10.47 -19.55
CA VAL E 28 -14.20 11.28 -18.37
C VAL E 28 -15.58 11.02 -17.77
N ASP E 29 -15.67 11.13 -16.44
CA ASP E 29 -16.92 10.93 -15.71
C ASP E 29 -17.72 12.22 -15.77
N ILE E 30 -18.88 12.19 -16.41
CA ILE E 30 -19.68 13.40 -16.53
C ILE E 30 -20.76 13.58 -15.47
N SER E 31 -20.71 12.76 -14.41
CA SER E 31 -21.68 12.87 -13.34
C SER E 31 -21.87 14.34 -12.96
N ASP E 32 -20.78 15.09 -12.99
CA ASP E 32 -20.87 16.49 -12.61
C ASP E 32 -21.73 17.34 -13.51
N THR E 33 -22.31 16.77 -14.56
CA THR E 33 -23.18 17.54 -15.45
C THR E 33 -24.55 16.88 -15.53
N ILE E 34 -24.73 15.81 -14.76
CA ILE E 34 -26.00 15.12 -14.75
C ILE E 34 -26.70 15.33 -13.42
N TYR E 35 -25.92 15.46 -12.36
CA TYR E 35 -26.47 15.67 -11.03
C TYR E 35 -26.04 17.02 -10.48
N PRO E 36 -26.89 17.66 -9.67
CA PRO E 36 -28.20 17.18 -9.25
C PRO E 36 -29.14 17.15 -10.43
N ARG E 37 -30.07 16.20 -10.41
CA ARG E 37 -31.03 16.08 -11.51
C ARG E 37 -31.92 17.32 -11.61
N ASN E 38 -32.21 17.96 -10.48
CA ASN E 38 -33.05 19.15 -10.49
C ASN E 38 -32.49 20.30 -9.69
N PRO E 39 -31.71 21.17 -10.35
CA PRO E 39 -31.08 22.35 -9.75
C PRO E 39 -32.11 23.20 -9.02
N ALA E 40 -33.29 23.31 -9.60
CA ALA E 40 -34.39 24.11 -9.05
C ALA E 40 -34.74 23.75 -7.60
N MET E 41 -34.59 22.48 -7.24
CA MET E 41 -34.91 22.05 -5.89
C MET E 41 -33.65 21.82 -5.09
N TYR E 42 -32.59 22.52 -5.49
CA TYR E 42 -31.30 22.42 -4.83
C TYR E 42 -31.40 22.78 -3.35
N SER E 43 -31.96 23.96 -3.07
CA SER E 43 -32.11 24.47 -1.71
C SER E 43 -33.24 23.86 -0.87
N GLU E 44 -32.99 23.75 0.43
CA GLU E 44 -33.98 23.19 1.34
C GLU E 44 -35.23 24.08 1.40
N GLU E 45 -35.04 25.39 1.42
CA GLU E 45 -36.16 26.31 1.46
C GLU E 45 -37.02 26.07 0.22
N ALA E 46 -36.40 26.02 -0.95
CA ALA E 46 -37.15 25.79 -2.19
C ALA E 46 -37.91 24.49 -2.02
N ARG E 47 -37.27 23.54 -1.35
CA ARG E 47 -37.88 22.25 -1.12
C ARG E 47 -39.07 22.39 -0.19
N LEU E 48 -38.86 23.04 0.95
CA LEU E 48 -39.94 23.24 1.89
C LEU E 48 -41.15 23.84 1.21
N LYS E 49 -40.87 24.83 0.38
CA LYS E 49 -41.91 25.54 -0.34
C LYS E 49 -42.72 24.67 -1.30
N SER E 50 -42.38 23.39 -1.39
CA SER E 50 -43.10 22.50 -2.32
C SER E 50 -44.22 21.73 -1.67
N PHE E 51 -44.21 21.65 -0.35
CA PHE E 51 -45.25 20.90 0.35
C PHE E 51 -46.52 21.69 0.58
N GLN E 52 -46.80 22.65 -0.29
CA GLN E 52 -47.99 23.47 -0.19
C GLN E 52 -49.26 22.67 0.10
N ASN E 53 -49.31 21.42 -0.34
CA ASN E 53 -50.53 20.63 -0.12
C ASN E 53 -50.30 19.19 0.36
N TRP E 54 -49.27 19.00 1.19
CA TRP E 54 -48.94 17.69 1.74
C TRP E 54 -50.23 17.13 2.38
N PRO E 55 -50.62 15.89 2.02
CA PRO E 55 -51.82 15.22 2.54
C PRO E 55 -51.87 15.16 4.06
N ASP E 56 -53.07 15.22 4.62
CA ASP E 56 -53.22 15.15 6.07
C ASP E 56 -52.67 13.82 6.61
N TYR E 57 -53.12 12.70 6.03
CA TYR E 57 -52.60 11.39 6.42
C TYR E 57 -51.14 11.53 6.00
N ALA E 58 -50.19 11.06 6.79
CA ALA E 58 -48.83 11.27 6.34
C ALA E 58 -47.77 10.49 7.07
N HIS E 59 -47.58 10.80 8.34
CA HIS E 59 -46.56 10.14 9.16
C HIS E 59 -45.24 10.87 9.05
N LEU E 60 -45.21 11.92 8.24
CA LEU E 60 -43.91 12.52 7.86
C LEU E 60 -44.25 13.94 7.50
N THR E 61 -43.50 14.89 8.04
CA THR E 61 -43.74 16.31 7.78
C THR E 61 -42.76 16.83 6.77
N PRO E 62 -43.12 17.89 6.06
CA PRO E 62 -42.25 18.47 5.04
C PRO E 62 -40.79 18.67 5.47
N ARG E 63 -40.58 19.31 6.60
CA ARG E 63 -39.22 19.54 7.05
C ARG E 63 -38.35 18.30 7.10
N GLU E 64 -38.86 17.19 7.60
CA GLU E 64 -38.05 15.98 7.64
C GLU E 64 -37.74 15.49 6.24
N LEU E 65 -38.74 15.61 5.36
CA LEU E 65 -38.58 15.18 3.97
C LEU E 65 -37.66 16.14 3.21
N ALA E 66 -37.84 17.44 3.42
CA ALA E 66 -37.00 18.43 2.76
C ALA E 66 -35.56 18.28 3.23
N SER E 67 -35.38 18.00 4.52
CA SER E 67 -34.04 17.85 5.08
C SER E 67 -33.32 16.62 4.54
N ALA E 68 -34.06 15.68 3.98
CA ALA E 68 -33.45 14.48 3.41
C ALA E 68 -33.33 14.71 1.91
N GLY E 69 -33.46 15.97 1.50
CA GLY E 69 -33.36 16.35 0.11
C GLY E 69 -34.55 16.01 -0.77
N LEU E 70 -35.64 15.59 -0.15
CA LEU E 70 -36.83 15.21 -0.90
C LEU E 70 -37.84 16.34 -1.00
N TYR E 71 -38.41 16.52 -2.19
CA TYR E 71 -39.40 17.57 -2.39
C TYR E 71 -40.67 16.94 -2.94
N TYR E 72 -41.82 17.45 -2.50
CA TYR E 72 -43.12 16.94 -2.92
C TYR E 72 -43.41 17.07 -4.42
N THR E 73 -44.07 16.07 -4.98
CA THR E 73 -44.40 16.03 -6.39
C THR E 73 -45.83 16.46 -6.68
N GLY E 74 -46.61 16.66 -5.63
CA GLY E 74 -47.98 17.08 -5.82
C GLY E 74 -48.98 15.94 -5.94
N ILE E 75 -48.49 14.71 -5.95
CA ILE E 75 -49.38 13.55 -6.06
C ILE E 75 -49.27 12.66 -4.83
N GLY E 76 -50.41 12.25 -4.29
CA GLY E 76 -50.42 11.43 -3.11
C GLY E 76 -49.38 11.92 -2.11
N ASP E 77 -48.61 10.99 -1.56
CA ASP E 77 -47.56 11.35 -0.64
C ASP E 77 -46.22 11.06 -1.34
N GLN E 78 -46.21 11.23 -2.66
CA GLN E 78 -45.02 10.97 -3.46
C GLN E 78 -44.10 12.17 -3.58
N VAL E 79 -42.89 11.99 -3.07
CA VAL E 79 -41.84 12.99 -3.08
C VAL E 79 -40.71 12.53 -4.01
N GLN E 80 -39.81 13.45 -4.33
CA GLN E 80 -38.68 13.17 -5.20
C GLN E 80 -37.40 13.84 -4.66
N CYS E 81 -36.23 13.25 -4.96
CA CYS E 81 -34.93 13.79 -4.52
C CYS E 81 -34.34 14.74 -5.57
N PHE E 82 -33.91 15.92 -5.15
CA PHE E 82 -33.35 16.90 -6.07
C PHE E 82 -32.04 16.40 -6.69
N ALA E 83 -31.33 15.58 -5.92
CA ALA E 83 -30.05 15.04 -6.34
C ALA E 83 -30.17 13.91 -7.37
N CYS E 84 -30.60 12.74 -6.90
CA CYS E 84 -30.72 11.55 -7.73
C CYS E 84 -31.98 11.47 -8.60
N GLY E 85 -33.02 12.16 -8.21
CA GLY E 85 -34.25 12.11 -8.97
C GLY E 85 -35.14 10.95 -8.58
N GLY E 86 -34.71 10.20 -7.57
CA GLY E 86 -35.48 9.06 -7.10
C GLY E 86 -36.85 9.47 -6.55
N LYS E 87 -37.81 8.56 -6.63
CA LYS E 87 -39.14 8.85 -6.14
C LYS E 87 -39.53 7.91 -5.01
N LEU E 88 -40.08 8.48 -3.94
CA LEU E 88 -40.52 7.69 -2.80
C LEU E 88 -41.99 8.03 -2.54
N LYS E 89 -42.76 7.03 -2.14
CA LYS E 89 -44.19 7.22 -1.89
C LYS E 89 -44.72 6.13 -0.96
N ASN E 90 -46.00 6.23 -0.63
CA ASN E 90 -46.64 5.26 0.24
C ASN E 90 -45.85 5.06 1.54
N TRP E 91 -45.52 6.17 2.20
CA TRP E 91 -44.78 6.15 3.45
C TRP E 91 -45.57 5.50 4.60
N GLU E 92 -44.98 4.50 5.24
CA GLU E 92 -45.62 3.81 6.36
C GLU E 92 -45.10 4.35 7.68
N PRO E 93 -45.91 4.25 8.74
CA PRO E 93 -45.51 4.74 10.07
C PRO E 93 -44.15 4.20 10.43
N GLY E 94 -43.31 5.04 11.02
CA GLY E 94 -41.99 4.58 11.40
C GLY E 94 -40.96 4.85 10.31
N ASP E 95 -41.42 5.20 9.13
CA ASP E 95 -40.52 5.48 8.03
C ASP E 95 -39.82 6.84 8.20
N ARG E 96 -38.54 6.80 8.50
CA ARG E 96 -37.76 8.03 8.63
C ARG E 96 -37.30 8.41 7.22
N ALA E 97 -37.57 9.64 6.82
CA ALA E 97 -37.22 10.14 5.50
C ALA E 97 -35.84 9.68 5.04
N TRP E 98 -34.82 10.18 5.72
CA TRP E 98 -33.44 9.88 5.39
C TRP E 98 -33.08 8.40 5.27
N SER E 99 -33.53 7.59 6.22
CA SER E 99 -33.26 6.17 6.20
C SER E 99 -33.84 5.51 4.95
N GLU E 100 -35.07 5.87 4.60
CA GLU E 100 -35.71 5.31 3.41
C GLU E 100 -34.99 5.79 2.16
N HIS E 101 -34.56 7.04 2.17
CA HIS E 101 -33.89 7.62 1.02
C HIS E 101 -32.66 6.83 0.60
N ARG E 102 -31.83 6.46 1.56
CA ARG E 102 -30.62 5.71 1.22
C ARG E 102 -30.86 4.22 1.00
N ARG E 103 -31.93 3.69 1.58
CA ARG E 103 -32.26 2.28 1.42
C ARG E 103 -32.59 2.02 -0.04
N HIS E 104 -33.38 2.91 -0.65
CA HIS E 104 -33.77 2.76 -2.05
C HIS E 104 -32.81 3.41 -3.03
N PHE E 105 -31.96 4.31 -2.56
CA PHE E 105 -31.02 4.97 -3.45
C PHE E 105 -29.68 5.15 -2.79
N PRO E 106 -29.04 4.03 -2.39
CA PRO E 106 -27.74 4.02 -1.72
C PRO E 106 -26.63 4.59 -2.57
N ASN E 107 -26.90 4.81 -3.85
CA ASN E 107 -25.91 5.34 -4.77
C ASN E 107 -26.09 6.82 -5.07
N CYS E 108 -27.02 7.45 -4.36
CA CYS E 108 -27.30 8.88 -4.53
C CYS E 108 -26.21 9.78 -3.95
N PHE E 109 -25.87 10.84 -4.66
CA PHE E 109 -24.83 11.77 -4.21
C PHE E 109 -25.17 12.40 -2.88
N PHE E 110 -26.40 12.90 -2.75
CA PHE E 110 -26.80 13.53 -1.50
C PHE E 110 -26.68 12.50 -0.37
N VAL E 111 -27.08 11.26 -0.67
CA VAL E 111 -27.00 10.18 0.31
C VAL E 111 -25.57 9.84 0.67
N LEU E 112 -24.71 9.82 -0.36
CA LEU E 112 -23.31 9.49 -0.20
C LEU E 112 -22.43 10.61 0.34
N GLY E 113 -22.76 11.86 0.05
CA GLY E 113 -21.92 12.94 0.51
C GLY E 113 -21.01 13.42 -0.62
N ARG E 114 -21.29 12.97 -1.84
CA ARG E 114 -20.50 13.41 -2.98
C ARG E 114 -20.95 14.83 -3.26
N ASN E 115 -20.00 15.69 -3.62
CA ASN E 115 -20.32 17.10 -3.86
C ASN E 115 -21.37 17.28 -4.94
N LEU E 116 -22.35 18.15 -4.67
CA LEU E 116 -23.37 18.43 -5.68
C LEU E 116 -22.88 19.56 -6.61
N ASN E 117 -23.03 20.84 -6.26
CA ASN E 117 -22.47 21.87 -7.15
C ASN E 117 -22.31 23.31 -6.61
N ILE E 118 -21.06 23.76 -6.53
CA ILE E 118 -20.72 25.12 -6.06
C ILE E 118 -19.21 25.41 -6.11
N THR F 16 25.20 -11.96 -17.16
CA THR F 16 26.44 -12.21 -16.37
C THR F 16 26.28 -13.42 -15.46
N HIS F 17 27.39 -14.09 -15.15
CA HIS F 17 27.32 -15.23 -14.24
C HIS F 17 26.54 -14.76 -13.01
N ALA F 18 26.90 -13.56 -12.53
CA ALA F 18 26.26 -12.97 -11.37
C ALA F 18 24.75 -12.90 -11.58
N ASP F 19 24.35 -12.28 -12.70
CA ASP F 19 22.93 -12.18 -13.01
C ASP F 19 22.30 -13.56 -13.11
N TYR F 20 23.08 -14.52 -13.60
CA TYR F 20 22.61 -15.89 -13.74
C TYR F 20 22.25 -16.43 -12.35
N LEU F 21 23.26 -16.44 -11.48
CA LEU F 21 23.09 -16.92 -10.11
C LEU F 21 21.90 -16.31 -9.38
N LEU F 22 21.62 -15.05 -9.66
CA LEU F 22 20.51 -14.36 -9.01
C LEU F 22 19.17 -14.79 -9.60
N ARG F 23 19.04 -14.72 -10.91
CA ARG F 23 17.81 -15.10 -11.60
C ARG F 23 17.40 -16.52 -11.23
N THR F 24 18.39 -17.37 -11.04
CA THR F 24 18.15 -18.76 -10.69
C THR F 24 17.99 -18.94 -9.19
N GLY F 25 18.05 -17.83 -8.47
CA GLY F 25 17.89 -17.88 -7.02
C GLY F 25 18.89 -18.69 -6.22
N GLN F 26 20.15 -18.68 -6.64
CA GLN F 26 21.19 -19.43 -5.94
C GLN F 26 21.87 -18.54 -4.91
N VAL F 27 21.71 -17.23 -5.05
CA VAL F 27 22.33 -16.31 -4.11
C VAL F 27 21.55 -16.35 -2.81
N VAL F 28 22.29 -16.50 -1.71
CA VAL F 28 21.68 -16.60 -0.40
C VAL F 28 22.55 -15.96 0.68
N ASP F 29 21.90 -15.40 1.70
CA ASP F 29 22.60 -14.76 2.81
C ASP F 29 23.01 -15.84 3.78
N ILE F 30 24.31 -16.02 3.99
CA ILE F 30 24.75 -17.06 4.91
C ILE F 30 25.05 -16.61 6.33
N SER F 31 24.65 -15.38 6.67
CA SER F 31 24.87 -14.86 8.01
C SER F 31 24.51 -15.92 9.02
N ASP F 32 23.46 -16.70 8.73
CA ASP F 32 23.01 -17.71 9.67
C ASP F 32 24.00 -18.84 9.91
N THR F 33 25.16 -18.80 9.26
CA THR F 33 26.19 -19.82 9.47
C THR F 33 27.49 -19.16 9.88
N ILE F 34 27.47 -17.85 10.04
CA ILE F 34 28.65 -17.14 10.45
C ILE F 34 28.48 -16.61 11.88
N TYR F 35 27.25 -16.27 12.23
CA TYR F 35 26.97 -15.74 13.56
C TYR F 35 26.02 -16.67 14.29
N PRO F 36 26.13 -16.76 15.63
CA PRO F 36 27.11 -16.03 16.45
C PRO F 36 28.53 -16.51 16.14
N ARG F 37 29.49 -15.61 16.27
CA ARG F 37 30.88 -15.96 15.98
C ARG F 37 31.38 -17.01 16.96
N ASN F 38 30.88 -16.95 18.20
CA ASN F 38 31.32 -17.92 19.20
C ASN F 38 30.18 -18.57 19.96
N PRO F 39 29.70 -19.72 19.45
CA PRO F 39 28.61 -20.49 20.05
C PRO F 39 28.87 -20.79 21.53
N ALA F 40 30.14 -21.07 21.84
CA ALA F 40 30.58 -21.40 23.20
C ALA F 40 30.19 -20.34 24.22
N MET F 41 30.17 -19.07 23.81
CA MET F 41 29.82 -18.00 24.74
C MET F 41 28.40 -17.53 24.50
N TYR F 42 27.61 -18.41 23.93
CA TYR F 42 26.21 -18.10 23.62
C TYR F 42 25.43 -17.67 24.87
N SER F 43 25.49 -18.50 25.90
CA SER F 43 24.78 -18.27 27.17
C SER F 43 25.40 -17.21 28.09
N GLU F 44 24.55 -16.51 28.82
CA GLU F 44 25.00 -15.49 29.75
C GLU F 44 25.81 -16.11 30.90
N GLU F 45 25.34 -17.25 31.40
CA GLU F 45 26.02 -17.92 32.50
C GLU F 45 27.43 -18.26 32.02
N ALA F 46 27.49 -18.88 30.85
CA ALA F 46 28.79 -19.24 30.30
C ALA F 46 29.60 -17.96 30.26
N ARG F 47 28.90 -16.86 29.99
CA ARG F 47 29.56 -15.58 29.91
C ARG F 47 30.08 -15.24 31.29
N LEU F 48 29.14 -14.99 32.21
CA LEU F 48 29.50 -14.64 33.58
C LEU F 48 30.69 -15.47 34.10
N LYS F 49 30.99 -16.59 33.45
CA LYS F 49 32.12 -17.41 33.88
C LYS F 49 33.42 -16.60 33.77
N SER F 50 34.28 -16.96 32.80
CA SER F 50 35.58 -16.30 32.58
C SER F 50 35.67 -14.81 32.93
N LEU F 60 34.55 -2.59 35.54
CA LEU F 60 33.57 -3.52 34.77
C LEU F 60 32.63 -4.56 35.34
N THR F 61 31.57 -4.17 36.06
CA THR F 61 30.41 -5.00 36.54
C THR F 61 30.27 -6.36 35.86
N PRO F 62 30.74 -7.52 36.19
CA PRO F 62 30.57 -8.58 35.35
C PRO F 62 29.10 -8.75 34.88
N ARG F 63 28.18 -8.88 35.85
CA ARG F 63 26.76 -9.07 35.60
C ARG F 63 26.22 -8.12 34.52
N GLU F 64 26.87 -6.96 34.36
CA GLU F 64 26.45 -6.01 33.34
C GLU F 64 27.00 -6.36 31.96
N LEU F 65 28.32 -6.46 31.87
CA LEU F 65 28.96 -6.80 30.60
C LEU F 65 28.34 -8.07 30.01
N ALA F 66 28.36 -9.17 30.78
CA ALA F 66 27.79 -10.41 30.31
C ALA F 66 26.39 -10.19 29.77
N SER F 67 25.64 -9.31 30.44
CA SER F 67 24.27 -9.02 30.01
C SER F 67 24.23 -8.27 28.68
N ALA F 68 25.36 -7.69 28.27
CA ALA F 68 25.43 -6.99 26.99
C ALA F 68 26.07 -7.96 25.98
N GLY F 69 26.10 -9.24 26.35
CA GLY F 69 26.66 -10.28 25.51
C GLY F 69 28.17 -10.29 25.40
N LEU F 70 28.84 -9.50 26.23
CA LEU F 70 30.29 -9.45 26.16
C LEU F 70 30.91 -10.38 27.17
N TYR F 71 31.94 -11.11 26.75
CA TYR F 71 32.65 -12.02 27.64
C TYR F 71 34.14 -11.65 27.70
N TYR F 72 34.72 -11.75 28.90
CA TYR F 72 36.13 -11.41 29.12
C TYR F 72 37.11 -12.27 28.31
N THR F 73 38.17 -11.62 27.84
CA THR F 73 39.19 -12.27 27.02
C THR F 73 40.43 -12.66 27.83
N GLY F 74 40.46 -12.26 29.09
CA GLY F 74 41.60 -12.59 29.92
C GLY F 74 42.72 -11.57 29.89
N ILE F 75 42.60 -10.56 29.02
CA ILE F 75 43.64 -9.52 28.91
C ILE F 75 43.11 -8.15 29.32
N GLY F 76 43.87 -7.46 30.16
CA GLY F 76 43.46 -6.15 30.61
C GLY F 76 41.97 -6.17 30.89
N ASP F 77 41.26 -5.15 30.43
CA ASP F 77 39.83 -5.09 30.64
C ASP F 77 39.17 -5.29 29.28
N GLN F 78 39.82 -6.10 28.44
CA GLN F 78 39.31 -6.38 27.10
C GLN F 78 38.36 -7.56 27.02
N VAL F 79 37.13 -7.24 26.62
CA VAL F 79 36.04 -8.20 26.48
C VAL F 79 35.70 -8.35 25.00
N GLN F 80 34.91 -9.37 24.69
CA GLN F 80 34.50 -9.64 23.32
C GLN F 80 33.02 -10.08 23.28
N CYS F 81 32.34 -9.82 22.15
CA CYS F 81 30.92 -10.17 21.97
C CYS F 81 30.77 -11.55 21.34
N PHE F 82 29.92 -12.39 21.93
CA PHE F 82 29.74 -13.75 21.42
C PHE F 82 29.10 -13.76 20.04
N ALA F 83 28.30 -12.73 19.80
CA ALA F 83 27.58 -12.58 18.54
C ALA F 83 28.47 -12.08 17.39
N CYS F 84 28.82 -10.79 17.43
CA CYS F 84 29.62 -10.17 16.39
C CYS F 84 31.13 -10.40 16.44
N GLY F 85 31.64 -10.71 17.63
CA GLY F 85 33.07 -10.96 17.73
C GLY F 85 33.85 -9.70 17.96
N GLY F 86 33.13 -8.59 18.12
CA GLY F 86 33.79 -7.31 18.37
C GLY F 86 34.52 -7.28 19.70
N LYS F 87 35.54 -6.45 19.78
CA LYS F 87 36.33 -6.34 21.01
C LYS F 87 36.25 -4.93 21.57
N LEU F 88 36.05 -4.86 22.87
CA LEU F 88 35.99 -3.58 23.54
C LEU F 88 36.99 -3.63 24.69
N LYS F 89 37.62 -2.50 24.97
CA LYS F 89 38.62 -2.43 26.04
C LYS F 89 38.82 -0.99 26.51
N ASN F 90 39.70 -0.80 27.50
CA ASN F 90 39.96 0.52 28.01
C ASN F 90 38.68 1.28 28.40
N TRP F 91 37.81 0.61 29.15
CA TRP F 91 36.55 1.21 29.59
C TRP F 91 36.73 2.41 30.51
N GLU F 92 36.12 3.53 30.17
CA GLU F 92 36.23 4.72 31.00
C GLU F 92 34.99 4.87 31.90
N PRO F 93 35.14 5.56 33.04
CA PRO F 93 34.00 5.75 33.95
C PRO F 93 32.79 6.29 33.18
N GLY F 94 31.61 5.78 33.52
CA GLY F 94 30.41 6.25 32.84
C GLY F 94 30.09 5.39 31.65
N ASP F 95 31.03 4.54 31.24
CA ASP F 95 30.78 3.67 30.10
C ASP F 95 29.82 2.53 30.45
N ARG F 96 28.60 2.60 29.92
CA ARG F 96 27.61 1.54 30.13
C ARG F 96 27.89 0.50 29.05
N ALA F 97 28.06 -0.75 29.48
CA ALA F 97 28.37 -1.85 28.58
C ALA F 97 27.58 -1.81 27.27
N TRP F 98 26.27 -1.99 27.41
CA TRP F 98 25.39 -2.02 26.26
C TRP F 98 25.48 -0.82 25.32
N SER F 99 25.54 0.38 25.88
CA SER F 99 25.63 1.59 25.05
C SER F 99 26.91 1.59 24.21
N GLU F 100 28.02 1.21 24.82
CA GLU F 100 29.29 1.14 24.10
C GLU F 100 29.25 0.05 23.04
N HIS F 101 28.62 -1.08 23.39
CA HIS F 101 28.53 -2.20 22.48
C HIS F 101 27.90 -1.82 21.14
N ARG F 102 26.81 -1.07 21.17
CA ARG F 102 26.17 -0.71 19.92
C ARG F 102 26.80 0.49 19.23
N ARG F 103 27.48 1.33 20.00
CA ARG F 103 28.14 2.50 19.41
C ARG F 103 29.24 2.02 18.46
N HIS F 104 29.99 1.01 18.88
CA HIS F 104 31.09 0.47 18.08
C HIS F 104 30.66 -0.65 17.16
N PHE F 105 29.51 -1.25 17.41
CA PHE F 105 29.06 -2.35 16.58
C PHE F 105 27.56 -2.28 16.37
N PRO F 106 27.09 -1.18 15.79
CA PRO F 106 25.67 -0.95 15.52
C PRO F 106 25.07 -1.94 14.54
N ASN F 107 25.92 -2.74 13.90
CA ASN F 107 25.46 -3.72 12.93
C ASN F 107 25.42 -5.14 13.48
N CYS F 108 25.70 -5.27 14.78
CA CYS F 108 25.71 -6.56 15.49
C CYS F 108 24.30 -7.15 15.68
N PHE F 109 24.17 -8.45 15.44
CA PHE F 109 22.88 -9.11 15.58
C PHE F 109 22.32 -8.95 17.00
N PHE F 110 23.16 -9.24 17.99
CA PHE F 110 22.70 -9.14 19.37
C PHE F 110 22.23 -7.72 19.62
N VAL F 111 22.99 -6.76 19.09
CA VAL F 111 22.65 -5.35 19.25
C VAL F 111 21.37 -5.02 18.53
N LEU F 112 21.21 -5.56 17.34
CA LEU F 112 20.04 -5.32 16.50
C LEU F 112 18.78 -6.07 16.88
N GLY F 113 18.92 -7.27 17.41
CA GLY F 113 17.76 -8.05 17.75
C GLY F 113 17.49 -9.11 16.70
N ARG F 114 18.45 -9.28 15.79
CA ARG F 114 18.32 -10.28 14.75
C ARG F 114 18.51 -11.63 15.43
N ASN F 115 17.73 -12.59 14.97
CA ASN F 115 17.77 -13.96 15.46
C ASN F 115 19.23 -14.46 15.55
N LEU F 116 19.53 -15.34 16.51
CA LEU F 116 20.87 -15.89 16.68
C LEU F 116 20.76 -17.39 16.91
N ASN F 117 21.54 -18.16 16.18
CA ASN F 117 21.53 -19.63 16.26
C ASN F 117 20.15 -20.21 15.95
#